data_2GP6
#
_entry.id   2GP6
#
_cell.length_a   198.682
_cell.length_b   198.682
_cell.length_c   71.831
_cell.angle_alpha   90.00
_cell.angle_beta   90.00
_cell.angle_gamma   120.00
#
_symmetry.space_group_name_H-M   'H 3'
#
loop_
_entity.id
_entity.type
_entity.pdbx_description
1 polymer '3-oxoacyl-[acyl-carrier-protein] synthase 2'
2 water water
#
_entity_poly.entity_id   1
_entity_poly.type   'polypeptide(L)'
_entity_poly.pdbx_seq_one_letter_code
;MGSSHHHHHHSSGLVPRGSHMVTGKAFPYVVVTGIAMTTALATDAETTWKLLLDRQSGIRTLDDPFVEEFDLPVRIGGHL
LEEFDHQLTRIELRRMGYLQRMSTVLSRRLWENAGSPEVDTNRLMVSIGTGLGSAEELVFSYDDMRARGMKAVSPLTVQK
YMPNGAAAAVGLERHAKAGVMTPVSACASGAEAIARAWQQIVLGEADAAICGGVETRIEAVPIAGFAQMRIVMSTNNDDP
AGACRPFDRDRDGFVFGEGGALLLIETEEHAKARGANILARIMGASITSDGFHMVAPDPNGERAGHAITRAIQLAGLAPG
DIDHVNAHATGTQVGDLAEGRAINNALGGNRPAVYAPKSALGHSVGAVGAVESILTVLALRDQVIPPTLNLVNLDPEIDL
DVVAGEPRPGNYRYAINNSFGFGGHNVAIAFGRY
;
_entity_poly.pdbx_strand_id   A,B
#
# COMPACT_ATOMS: atom_id res chain seq x y z
N HIS A 20 -24.27 10.45 -9.32
CA HIS A 20 -23.09 10.61 -10.11
C HIS A 20 -21.90 11.14 -9.30
N MET A 21 -20.80 10.50 -9.52
CA MET A 21 -19.52 10.57 -8.92
C MET A 21 -18.50 11.50 -9.50
N VAL A 22 -18.74 12.80 -9.31
CA VAL A 22 -17.85 13.90 -9.75
C VAL A 22 -17.59 14.80 -8.51
N THR A 23 -16.61 15.65 -8.60
CA THR A 23 -16.21 16.69 -7.63
C THR A 23 -17.35 17.61 -7.31
N GLY A 24 -17.98 18.19 -8.34
CA GLY A 24 -18.93 19.26 -7.98
C GLY A 24 -20.11 18.64 -7.25
N LYS A 25 -20.61 17.58 -7.92
CA LYS A 25 -21.90 16.98 -7.61
C LYS A 25 -21.88 16.15 -6.37
N ALA A 26 -21.19 15.00 -6.37
CA ALA A 26 -21.66 14.06 -5.25
C ALA A 26 -20.69 14.23 -4.11
N PHE A 27 -19.44 14.41 -4.75
CA PHE A 27 -18.30 14.67 -3.87
C PHE A 27 -18.18 16.10 -3.38
N PRO A 28 -17.68 16.28 -2.14
CA PRO A 28 -17.52 17.63 -1.60
C PRO A 28 -16.21 18.19 -2.16
N TYR A 29 -15.99 19.50 -2.06
CA TYR A 29 -14.75 20.09 -2.56
C TYR A 29 -13.66 19.98 -1.51
N VAL A 30 -12.51 19.47 -1.90
CA VAL A 30 -11.41 19.29 -0.98
C VAL A 30 -10.28 20.27 -1.27
N VAL A 31 -9.52 20.66 -0.24
CA VAL A 31 -8.44 21.62 -0.43
C VAL A 31 -7.13 21.37 0.34
N VAL A 32 -6.06 22.01 -0.11
CA VAL A 32 -4.75 21.91 0.48
C VAL A 32 -4.62 23.05 1.49
N THR A 33 -4.21 22.73 2.70
CA THR A 33 -4.09 23.73 3.75
C THR A 33 -2.67 23.94 4.32
N GLY A 34 -1.78 22.99 4.06
CA GLY A 34 -0.41 23.10 4.55
C GLY A 34 0.53 22.38 3.64
N ILE A 35 1.83 22.61 3.78
CA ILE A 35 2.78 21.97 2.90
C ILE A 35 4.08 21.69 3.60
N ALA A 36 4.71 20.57 3.25
CA ALA A 36 6.01 20.30 3.98
C ALA A 36 6.87 19.38 3.16
N MET A 37 8.08 19.75 2.86
CA MET A 37 8.97 18.78 2.16
C MET A 37 10.40 19.05 2.53
N THR A 38 11.27 18.18 2.09
CA THR A 38 12.73 18.27 2.20
C THR A 38 13.30 17.68 0.91
N THR A 39 13.99 18.49 0.14
CA THR A 39 14.53 18.01 -1.11
C THR A 39 16.03 18.26 -1.24
N ALA A 40 16.53 18.05 -2.45
CA ALA A 40 17.95 18.25 -2.75
C ALA A 40 18.35 19.72 -2.82
N LEU A 41 17.37 20.62 -3.02
CA LEU A 41 17.67 22.04 -3.09
C LEU A 41 17.53 22.76 -1.74
N ALA A 42 16.56 22.34 -0.95
CA ALA A 42 16.36 22.98 0.34
C ALA A 42 15.84 22.06 1.43
N THR A 43 15.91 22.58 2.63
CA THR A 43 15.48 21.91 3.88
C THR A 43 14.03 22.17 4.13
N ASP A 44 13.49 23.03 3.23
CA ASP A 44 12.05 23.35 3.34
C ASP A 44 11.39 23.56 2.02
N ALA A 45 10.08 23.75 2.03
CA ALA A 45 9.33 23.86 0.72
C ALA A 45 9.55 25.23 0.11
N GLU A 46 9.46 26.24 0.98
CA GLU A 46 9.59 27.62 0.51
C GLU A 46 10.91 27.96 -0.17
N THR A 47 12.02 27.62 0.49
CA THR A 47 13.32 27.90 -0.07
C THR A 47 13.52 27.13 -1.37
N THR A 48 13.09 25.87 -1.37
CA THR A 48 13.24 25.03 -2.55
C THR A 48 12.59 25.68 -3.78
N TRP A 49 11.41 26.26 -3.57
CA TRP A 49 10.67 26.93 -4.65
C TRP A 49 11.50 28.07 -5.25
N LYS A 50 12.07 28.90 -4.39
CA LYS A 50 12.89 30.02 -4.84
C LYS A 50 14.04 29.50 -5.70
N LEU A 51 14.78 28.54 -5.17
CA LEU A 51 15.91 27.96 -5.89
C LEU A 51 15.50 27.37 -7.24
N LEU A 52 14.27 26.87 -7.30
CA LEU A 52 13.75 26.26 -8.51
C LEU A 52 13.49 27.30 -9.59
N LEU A 53 13.19 28.52 -9.16
CA LEU A 53 12.92 29.63 -10.08
C LEU A 53 14.20 30.32 -10.57
N ASP A 54 15.25 30.27 -9.76
CA ASP A 54 16.52 30.87 -10.12
C ASP A 54 17.31 29.84 -10.94
N ARG A 55 16.56 28.98 -11.63
CA ARG A 55 17.09 27.89 -12.45
C ARG A 55 18.37 27.24 -11.93
N GLN A 56 18.31 26.78 -10.68
CA GLN A 56 19.44 26.11 -10.07
C GLN A 56 19.10 24.65 -9.83
N SER A 57 20.09 23.79 -10.05
CA SER A 57 19.94 22.35 -9.87
C SER A 57 20.44 21.95 -8.49
N GLY A 58 20.02 20.79 -8.00
CA GLY A 58 20.46 20.35 -6.69
C GLY A 58 21.28 19.08 -6.77
N ILE A 59 21.71 18.73 -7.98
CA ILE A 59 22.49 17.53 -8.22
C ILE A 59 23.97 17.87 -8.24
N ARG A 60 24.75 17.10 -7.48
CA ARG A 60 26.17 17.35 -7.40
C ARG A 60 26.90 16.03 -7.55
N THR A 61 28.23 16.08 -7.50
CA THR A 61 29.02 14.86 -7.63
C THR A 61 28.69 13.95 -6.45
N LEU A 62 28.05 12.83 -6.74
CA LEU A 62 27.71 11.89 -5.70
C LEU A 62 28.94 11.41 -4.97
N ASP A 63 29.08 11.87 -3.72
CA ASP A 63 30.20 11.47 -2.91
C ASP A 63 29.86 10.67 -1.69
N ASP A 64 30.06 9.34 -1.77
CA ASP A 64 29.63 8.53 -0.60
C ASP A 64 30.66 7.47 -0.31
N PRO A 65 30.23 6.56 0.70
CA PRO A 65 31.37 5.56 0.90
C PRO A 65 31.57 4.68 -0.35
N PHE A 66 30.54 3.86 -0.73
CA PHE A 66 30.47 2.95 -1.88
C PHE A 66 30.77 3.67 -3.18
N VAL A 67 31.33 4.88 -3.06
CA VAL A 67 31.63 5.69 -4.26
C VAL A 67 33.01 5.50 -4.82
N GLU A 68 34.01 6.18 -4.28
CA GLU A 68 35.35 6.38 -4.84
C GLU A 68 36.07 5.01 -4.92
N GLU A 69 35.48 4.10 -4.20
CA GLU A 69 35.76 2.75 -3.90
C GLU A 69 35.14 1.64 -4.67
N PHE A 70 33.85 1.47 -4.81
CA PHE A 70 33.08 0.26 -5.07
C PHE A 70 32.90 -0.15 -6.50
N ASP A 71 32.73 0.89 -7.34
CA ASP A 71 32.74 0.84 -8.76
C ASP A 71 31.47 0.68 -9.51
N LEU A 72 30.81 1.81 -9.78
CA LEU A 72 29.75 1.96 -10.76
C LEU A 72 29.77 3.22 -11.57
N PRO A 73 29.13 3.09 -12.79
CA PRO A 73 29.46 4.21 -13.74
C PRO A 73 28.81 5.52 -13.40
N VAL A 74 27.75 5.58 -12.59
CA VAL A 74 27.01 6.79 -12.23
C VAL A 74 27.63 7.47 -11.00
N ARG A 75 28.14 8.64 -10.91
CA ARG A 75 28.69 9.32 -9.74
C ARG A 75 27.96 10.63 -9.49
N ILE A 76 26.64 10.60 -9.61
CA ILE A 76 25.84 11.81 -9.43
C ILE A 76 24.47 11.53 -8.81
N GLY A 77 23.88 12.55 -8.19
CA GLY A 77 22.58 12.40 -7.59
C GLY A 77 22.24 13.52 -6.63
N GLY A 78 20.98 13.96 -6.62
CA GLY A 78 20.56 15.01 -5.71
C GLY A 78 20.41 14.38 -4.33
N HIS A 79 20.91 15.06 -3.31
CA HIS A 79 20.85 14.52 -1.95
C HIS A 79 20.36 15.53 -0.93
N LEU A 80 19.86 15.05 0.22
CA LEU A 80 19.35 15.92 1.27
C LEU A 80 20.38 16.81 1.95
N LEU A 81 19.94 18.00 2.36
CA LEU A 81 20.79 19.00 3.02
C LEU A 81 20.56 19.10 4.52
N GLU A 82 20.32 17.96 5.17
CA GLU A 82 20.07 17.93 6.61
C GLU A 82 20.10 16.53 7.23
N GLU A 83 20.38 16.48 8.52
CA GLU A 83 20.41 15.20 9.22
C GLU A 83 19.21 15.19 10.16
N PHE A 84 18.69 13.99 10.44
CA PHE A 84 17.53 13.86 11.31
C PHE A 84 17.87 13.49 12.76
N ASP A 85 19.15 13.28 13.02
CA ASP A 85 19.65 12.89 14.34
C ASP A 85 19.66 14.01 15.40
N HIS A 86 19.84 15.25 14.97
CA HIS A 86 19.89 16.39 15.89
C HIS A 86 18.58 17.14 16.01
N GLN A 87 17.50 16.50 15.57
CA GLN A 87 16.17 17.12 15.57
C GLN A 87 15.20 16.46 16.50
N LEU A 88 15.68 15.49 17.29
CA LEU A 88 14.86 14.79 18.27
C LEU A 88 15.62 14.18 19.41
N THR A 89 14.94 13.57 20.37
CA THR A 89 15.42 13.04 21.61
C THR A 89 16.25 11.78 21.38
N ARG A 90 16.90 11.34 22.43
CA ARG A 90 17.70 10.11 22.44
C ARG A 90 16.80 8.88 22.26
N ILE A 91 15.65 8.90 22.93
CA ILE A 91 14.70 7.80 22.88
C ILE A 91 13.97 7.67 21.53
N GLU A 92 13.71 8.80 20.88
CA GLU A 92 13.02 8.84 19.60
C GLU A 92 13.88 8.30 18.48
N LEU A 93 15.19 8.26 18.71
CA LEU A 93 16.10 7.77 17.69
C LEU A 93 16.02 6.26 17.56
N ARG A 94 16.12 5.64 18.75
CA ARG A 94 16.20 4.19 18.90
C ARG A 94 14.83 3.60 18.55
N ARG A 95 13.78 4.37 18.87
CA ARG A 95 12.44 3.81 18.57
C ARG A 95 12.04 3.89 17.11
N MET A 96 12.82 4.47 16.21
CA MET A 96 12.47 4.67 14.80
C MET A 96 13.61 4.45 13.80
N GLY A 97 13.22 4.15 12.56
CA GLY A 97 14.16 3.94 11.47
C GLY A 97 14.24 5.21 10.63
N TYR A 98 15.06 5.20 9.57
CA TYR A 98 15.20 6.40 8.74
C TYR A 98 13.88 7.03 8.26
N LEU A 99 13.11 6.29 7.47
CA LEU A 99 11.85 6.82 6.96
C LEU A 99 10.96 7.32 8.09
N GLN A 100 10.88 6.56 9.17
CA GLN A 100 10.08 6.92 10.31
C GLN A 100 10.52 8.25 10.93
N ARG A 101 11.83 8.48 11.00
CA ARG A 101 12.34 9.73 11.57
C ARG A 101 12.00 10.89 10.64
N MET A 102 12.07 10.62 9.34
CA MET A 102 11.79 11.64 8.31
C MET A 102 10.34 12.11 8.33
N SER A 103 9.41 11.17 8.19
CA SER A 103 7.99 11.48 8.21
C SER A 103 7.61 12.21 9.50
N THR A 104 8.08 11.71 10.65
CA THR A 104 7.79 12.35 11.93
C THR A 104 8.12 13.84 11.89
N VAL A 105 9.33 14.17 11.43
CA VAL A 105 9.77 15.55 11.34
C VAL A 105 8.96 16.37 10.37
N LEU A 106 8.65 15.80 9.20
CA LEU A 106 7.88 16.53 8.21
C LEU A 106 6.46 16.80 8.71
N SER A 107 5.85 15.82 9.37
CA SER A 107 4.49 16.01 9.87
C SER A 107 4.43 17.19 10.81
N ARG A 108 5.41 17.27 11.70
CA ARG A 108 5.49 18.36 12.68
C ARG A 108 5.56 19.73 11.99
N ARG A 109 6.40 19.82 10.97
CA ARG A 109 6.55 21.06 10.21
C ARG A 109 5.26 21.38 9.51
N LEU A 110 4.65 20.34 8.94
CA LEU A 110 3.39 20.50 8.21
C LEU A 110 2.29 20.98 9.15
N TRP A 111 2.20 20.36 10.33
CA TRP A 111 1.15 20.72 11.26
C TRP A 111 1.36 22.11 11.78
N GLU A 112 2.56 22.63 11.58
CA GLU A 112 2.89 23.98 12.01
C GLU A 112 2.51 24.99 10.94
N ASN A 113 2.79 24.67 9.68
CA ASN A 113 2.45 25.56 8.57
C ASN A 113 0.95 25.78 8.56
N ALA A 114 0.21 24.68 8.70
CA ALA A 114 -1.26 24.71 8.71
C ALA A 114 -1.77 25.57 9.85
N GLY A 115 -0.95 25.76 10.86
CA GLY A 115 -1.34 26.56 11.99
C GLY A 115 -1.69 25.74 13.21
N SER A 116 -0.95 24.65 13.42
CA SER A 116 -1.18 23.75 14.54
C SER A 116 -2.65 23.63 14.96
N PRO A 117 -3.52 23.21 14.03
CA PRO A 117 -4.95 23.05 14.29
C PRO A 117 -5.30 21.93 15.25
N GLU A 118 -6.42 22.07 15.94
CA GLU A 118 -6.84 21.02 16.87
C GLU A 118 -8.08 20.41 16.24
N VAL A 119 -7.85 19.37 15.44
CA VAL A 119 -8.91 18.67 14.73
C VAL A 119 -9.46 17.46 15.47
N ASP A 120 -10.57 16.94 14.96
CA ASP A 120 -11.21 15.76 15.52
C ASP A 120 -10.47 14.56 14.94
N THR A 121 -9.69 13.88 15.77
CA THR A 121 -8.89 12.73 15.36
C THR A 121 -9.69 11.51 14.93
N ASN A 122 -11.00 11.56 15.11
CA ASN A 122 -11.87 10.46 14.70
C ASN A 122 -12.18 10.67 13.21
N ARG A 123 -11.79 11.83 12.68
CA ARG A 123 -12.02 12.18 11.29
C ARG A 123 -10.69 12.50 10.60
N LEU A 124 -9.60 12.23 11.31
CA LEU A 124 -8.26 12.49 10.79
C LEU A 124 -7.59 11.19 10.34
N MET A 125 -6.96 11.23 9.16
CA MET A 125 -6.29 10.04 8.64
C MET A 125 -4.90 10.35 8.11
N VAL A 126 -4.13 9.28 7.90
CA VAL A 126 -2.78 9.39 7.38
C VAL A 126 -2.56 8.37 6.26
N SER A 127 -1.88 8.82 5.22
CA SER A 127 -1.58 7.97 4.08
C SER A 127 -0.21 8.35 3.56
N ILE A 128 0.76 7.49 3.81
CA ILE A 128 2.12 7.77 3.37
C ILE A 128 2.69 6.52 2.72
N GLY A 129 3.15 6.68 1.47
CA GLY A 129 3.72 5.57 0.74
C GLY A 129 5.21 5.67 0.47
N THR A 130 5.83 4.53 0.18
CA THR A 130 7.25 4.43 -0.13
C THR A 130 7.36 3.50 -1.35
N GLY A 131 8.39 3.68 -2.17
CA GLY A 131 8.56 2.82 -3.32
C GLY A 131 9.45 1.62 -3.05
N LEU A 132 10.46 1.82 -2.20
CA LEU A 132 11.42 0.77 -1.85
C LEU A 132 11.21 0.20 -0.44
N GLY A 133 11.36 1.08 0.54
CA GLY A 133 11.11 0.66 1.89
C GLY A 133 12.33 0.15 2.60
N SER A 134 12.22 0.03 3.91
CA SER A 134 13.34 -0.19 4.80
C SER A 134 14.21 -1.37 4.49
N ALA A 135 15.17 -1.12 3.61
CA ALA A 135 16.07 -2.12 3.02
C ALA A 135 17.36 -2.31 3.77
N GLU A 136 18.14 -1.20 3.77
CA GLU A 136 19.43 -1.01 4.42
C GLU A 136 19.35 -1.31 5.92
N GLU A 137 18.16 -1.07 6.46
CA GLU A 137 17.74 -1.41 7.78
C GLU A 137 17.74 -2.85 8.16
N LEU A 138 17.45 -3.77 7.24
CA LEU A 138 17.44 -5.20 7.42
C LEU A 138 18.82 -5.84 7.63
N VAL A 139 19.83 -5.29 6.94
CA VAL A 139 21.20 -5.78 7.06
C VAL A 139 21.73 -5.41 8.44
N PHE A 140 21.19 -4.31 8.97
CA PHE A 140 21.56 -3.79 10.28
C PHE A 140 20.95 -4.66 11.39
N SER A 141 19.67 -4.96 11.26
CA SER A 141 18.95 -5.76 12.26
C SER A 141 19.08 -7.28 12.11
N TYR A 142 19.23 -7.77 10.88
CA TYR A 142 19.35 -9.21 10.67
C TYR A 142 20.72 -9.76 11.08
N ASP A 143 21.76 -9.00 10.80
CA ASP A 143 23.10 -9.43 11.16
C ASP A 143 23.38 -9.17 12.64
N ASP A 144 22.48 -8.41 13.28
CA ASP A 144 22.60 -8.08 14.70
C ASP A 144 22.32 -9.30 15.59
N MET A 145 21.21 -10.00 15.32
CA MET A 145 20.83 -11.19 16.09
C MET A 145 21.94 -12.23 16.10
N ARG A 146 22.73 -12.24 15.03
CA ARG A 146 23.84 -13.19 14.85
C ARG A 146 25.12 -12.65 15.50
N ALA A 147 24.95 -11.74 16.46
CA ALA A 147 26.08 -11.14 17.18
C ALA A 147 25.71 -10.67 18.58
N ARG A 148 24.74 -9.77 18.63
CA ARG A 148 24.30 -9.02 19.79
C ARG A 148 23.55 -9.94 20.73
N GLY A 149 22.41 -10.46 20.25
CA GLY A 149 21.49 -11.28 21.02
C GLY A 149 20.05 -11.13 20.57
N MET A 150 19.25 -12.06 21.02
CA MET A 150 17.81 -12.04 20.68
C MET A 150 17.05 -11.47 21.85
N LYS A 151 17.68 -11.53 23.01
CA LYS A 151 17.22 -10.96 24.28
C LYS A 151 17.83 -9.56 24.53
N ALA A 152 18.77 -9.18 23.65
CA ALA A 152 19.46 -7.89 23.73
C ALA A 152 19.23 -6.97 22.52
N VAL A 153 17.97 -6.55 22.36
CA VAL A 153 17.53 -5.65 21.29
C VAL A 153 16.17 -5.03 21.66
N SER A 154 15.89 -3.85 21.11
CA SER A 154 14.63 -3.15 21.37
C SER A 154 13.43 -3.96 20.84
N PRO A 155 12.35 -4.12 21.64
CA PRO A 155 11.13 -4.84 21.36
C PRO A 155 10.37 -4.46 20.13
N LEU A 156 10.26 -3.20 19.82
CA LEU A 156 9.48 -2.63 18.72
C LEU A 156 10.26 -2.31 17.48
N THR A 157 11.42 -2.99 17.34
CA THR A 157 12.28 -2.85 16.16
C THR A 157 11.67 -3.46 14.89
N VAL A 158 10.64 -4.28 15.10
CA VAL A 158 9.93 -4.91 14.00
C VAL A 158 9.31 -3.78 13.20
N GLN A 159 8.58 -2.92 13.91
CA GLN A 159 7.91 -1.77 13.32
C GLN A 159 8.83 -0.97 12.40
N LYS A 160 10.10 -0.93 12.74
CA LYS A 160 11.08 -0.17 11.97
C LYS A 160 11.28 -0.59 10.51
N TYR A 161 11.58 -1.85 10.25
CA TYR A 161 11.80 -2.27 8.86
C TYR A 161 10.51 -2.48 8.05
N MET A 162 9.35 -2.38 8.70
CA MET A 162 8.07 -2.55 8.03
C MET A 162 7.89 -1.46 6.98
N PRO A 163 7.34 -1.81 5.82
CA PRO A 163 7.15 -0.79 4.79
C PRO A 163 6.06 0.23 5.16
N ASN A 164 5.44 0.04 6.32
CA ASN A 164 4.39 0.95 6.78
C ASN A 164 4.77 1.69 8.07
N GLY A 165 6.06 1.73 8.35
CA GLY A 165 6.55 2.40 9.55
C GLY A 165 6.40 3.91 9.53
N ALA A 166 6.75 4.54 8.40
CA ALA A 166 6.65 5.99 8.26
C ALA A 166 5.21 6.46 8.40
N ALA A 167 4.27 5.68 7.89
CA ALA A 167 2.84 6.01 7.97
C ALA A 167 2.34 5.72 9.38
N ALA A 168 2.68 4.54 9.89
CA ALA A 168 2.26 4.14 11.22
C ALA A 168 2.78 5.10 12.28
N ALA A 169 4.02 5.57 12.11
CA ALA A 169 4.66 6.50 13.04
C ALA A 169 3.86 7.80 13.15
N VAL A 170 3.59 8.42 12.00
CA VAL A 170 2.84 9.67 11.94
C VAL A 170 1.41 9.50 12.42
N GLY A 171 0.83 8.33 12.14
CA GLY A 171 -0.53 8.06 12.55
C GLY A 171 -0.70 7.96 14.05
N LEU A 172 0.42 7.82 14.76
CA LEU A 172 0.40 7.71 16.21
C LEU A 172 0.60 9.04 16.92
N GLU A 173 1.43 9.95 16.48
CA GLU A 173 1.72 11.26 17.02
C GLU A 173 0.51 12.14 17.20
N ARG A 174 -0.32 12.11 16.23
CA ARG A 174 -1.61 12.86 16.17
C ARG A 174 -2.68 11.81 16.29
N HIS A 175 -3.69 11.92 17.12
CA HIS A 175 -4.48 10.71 17.40
C HIS A 175 -5.31 10.20 16.27
N ALA A 176 -4.73 10.06 15.08
CA ALA A 176 -5.38 9.68 13.83
C ALA A 176 -6.09 8.35 13.98
N LYS A 177 -7.40 8.48 14.03
CA LYS A 177 -8.24 7.31 14.23
C LYS A 177 -9.24 7.16 13.09
N ALA A 178 -8.83 7.56 11.89
CA ALA A 178 -9.67 7.45 10.70
C ALA A 178 -9.02 6.57 9.63
N GLY A 179 -7.97 5.86 10.01
CA GLY A 179 -7.28 4.98 9.08
C GLY A 179 -5.84 5.40 8.76
N VAL A 180 -4.95 4.41 8.63
CA VAL A 180 -3.54 4.66 8.31
C VAL A 180 -3.11 3.66 7.24
N MET A 181 -2.85 4.19 6.02
CA MET A 181 -2.54 3.38 4.85
C MET A 181 -1.18 3.69 4.21
N THR A 182 -0.70 2.68 3.45
CA THR A 182 0.60 2.60 2.84
C THR A 182 0.59 1.89 1.48
N PRO A 183 0.05 2.78 0.50
CA PRO A 183 0.16 2.04 -0.83
C PRO A 183 1.57 1.96 -1.30
N VAL A 184 1.91 1.01 -2.16
CA VAL A 184 3.30 0.94 -2.69
C VAL A 184 3.14 0.86 -4.23
N SER A 185 4.06 1.49 -4.93
CA SER A 185 4.03 1.65 -6.40
C SER A 185 5.28 2.22 -6.98
N ALA A 186 6.44 1.76 -6.46
CA ALA A 186 7.68 2.28 -7.12
C ALA A 186 7.62 3.78 -7.24
N CYS A 187 7.58 4.45 -8.34
CA CYS A 187 7.63 5.87 -8.53
C CYS A 187 6.34 6.59 -8.32
N ALA A 188 5.22 5.88 -8.19
CA ALA A 188 3.94 6.54 -8.03
C ALA A 188 3.40 6.45 -6.59
N SER A 189 4.21 5.88 -5.70
CA SER A 189 3.80 5.69 -4.32
C SER A 189 3.37 7.00 -3.66
N GLY A 190 4.17 8.05 -3.86
CA GLY A 190 3.87 9.35 -3.29
C GLY A 190 2.59 10.00 -3.81
N ALA A 191 2.29 9.82 -5.09
CA ALA A 191 1.10 10.38 -5.68
C ALA A 191 -0.12 9.55 -5.25
N GLU A 192 0.03 8.23 -5.26
CA GLU A 192 -1.05 7.33 -4.90
C GLU A 192 -1.47 7.55 -3.45
N ALA A 193 -0.50 7.91 -2.61
CA ALA A 193 -0.80 8.18 -1.20
C ALA A 193 -1.80 9.33 -1.16
N ILE A 194 -1.57 10.34 -2.00
CA ILE A 194 -2.43 11.51 -2.07
C ILE A 194 -3.77 11.17 -2.73
N ALA A 195 -3.75 10.27 -3.69
CA ALA A 195 -4.97 9.87 -4.38
C ALA A 195 -5.92 9.15 -3.41
N ARG A 196 -5.35 8.29 -2.56
CA ARG A 196 -6.14 7.56 -1.57
C ARG A 196 -6.72 8.54 -0.57
N ALA A 197 -5.92 9.54 -0.19
CA ALA A 197 -6.36 10.55 0.75
C ALA A 197 -7.58 11.28 0.21
N TRP A 198 -7.47 11.76 -1.04
CA TRP A 198 -8.58 12.46 -1.67
C TRP A 198 -9.79 11.54 -1.84
N GLN A 199 -9.55 10.27 -2.13
CA GLN A 199 -10.65 9.33 -2.30
C GLN A 199 -11.44 9.09 -1.02
N GLN A 200 -10.74 8.79 0.07
CA GLN A 200 -11.43 8.55 1.33
C GLN A 200 -12.32 9.73 1.70
N ILE A 201 -11.69 10.93 1.77
CA ILE A 201 -12.44 12.16 2.10
C ILE A 201 -13.68 12.18 1.21
N VAL A 202 -13.44 12.11 -0.08
CA VAL A 202 -14.55 12.35 -1.03
C VAL A 202 -15.65 11.36 -0.74
N LEU A 203 -15.28 10.13 -0.41
CA LEU A 203 -16.15 9.01 -0.14
C LEU A 203 -16.84 9.06 1.22
N GLY A 204 -16.55 10.09 2.02
CA GLY A 204 -17.15 10.23 3.34
C GLY A 204 -16.42 9.47 4.44
N GLU A 205 -15.22 8.97 4.14
CA GLU A 205 -14.46 8.21 5.11
C GLU A 205 -13.61 9.10 6.03
N ALA A 206 -13.49 10.36 5.68
CA ALA A 206 -12.70 11.29 6.47
C ALA A 206 -12.97 12.74 6.05
N ASP A 207 -12.43 13.68 6.81
CA ASP A 207 -12.61 15.11 6.53
C ASP A 207 -11.24 15.82 6.43
N ALA A 208 -10.17 15.10 6.78
CA ALA A 208 -8.82 15.65 6.72
C ALA A 208 -7.80 14.53 6.65
N ALA A 209 -6.71 14.77 5.94
CA ALA A 209 -5.69 13.75 5.80
C ALA A 209 -4.32 14.32 5.54
N ILE A 210 -3.31 13.63 6.08
CA ILE A 210 -1.91 13.98 5.87
C ILE A 210 -1.44 12.94 4.87
N CYS A 211 -0.96 13.39 3.72
CA CYS A 211 -0.52 12.48 2.67
C CYS A 211 0.73 12.95 1.95
N GLY A 212 1.41 12.02 1.27
CA GLY A 212 2.62 12.37 0.57
C GLY A 212 3.53 11.16 0.47
N GLY A 213 4.82 11.37 0.25
CA GLY A 213 5.72 10.23 0.13
C GLY A 213 7.04 10.37 0.86
N VAL A 214 7.71 9.24 1.07
CA VAL A 214 9.00 9.22 1.74
C VAL A 214 9.88 8.12 1.17
N GLU A 215 11.10 8.46 0.77
CA GLU A 215 12.00 7.47 0.21
C GLU A 215 13.36 7.41 0.92
N THR A 216 13.94 6.21 0.98
CA THR A 216 15.23 5.95 1.63
C THR A 216 16.34 6.79 1.07
N ARG A 217 17.54 6.68 1.59
CA ARG A 217 18.76 7.32 1.11
C ARG A 217 19.26 6.62 -0.13
N ILE A 218 20.39 7.04 -0.66
CA ILE A 218 20.96 6.49 -1.90
C ILE A 218 21.76 5.25 -1.55
N GLU A 219 21.26 4.09 -1.87
CA GLU A 219 22.01 2.83 -1.67
C GLU A 219 22.70 2.37 -2.94
N ALA A 220 23.47 1.30 -2.86
CA ALA A 220 24.16 0.85 -4.08
C ALA A 220 23.30 -0.12 -4.92
N VAL A 221 22.59 -0.95 -4.21
CA VAL A 221 21.78 -2.07 -4.61
C VAL A 221 20.90 -1.73 -5.82
N PRO A 222 20.26 -0.49 -5.55
CA PRO A 222 19.44 -0.14 -6.77
C PRO A 222 20.27 0.29 -7.96
N ILE A 223 21.16 1.27 -7.75
CA ILE A 223 22.01 1.83 -8.81
C ILE A 223 22.68 0.69 -9.55
N ALA A 224 23.14 -0.32 -8.86
CA ALA A 224 23.71 -1.51 -9.57
C ALA A 224 22.73 -2.10 -10.60
N GLY A 225 21.59 -2.57 -10.13
CA GLY A 225 20.61 -3.15 -11.03
C GLY A 225 19.86 -2.13 -11.86
N PHE A 226 20.46 -0.96 -12.07
CA PHE A 226 19.81 0.09 -12.84
C PHE A 226 20.74 0.84 -13.80
N ALA A 227 22.02 0.91 -13.48
CA ALA A 227 23.01 1.58 -14.38
C ALA A 227 23.23 0.74 -15.66
N GLN A 228 23.25 -0.55 -15.39
CA GLN A 228 23.38 -1.66 -16.28
C GLN A 228 22.34 -1.66 -17.41
N MET A 229 21.13 -1.31 -17.04
CA MET A 229 20.03 -1.26 -17.96
C MET A 229 20.14 -0.26 -19.06
N ARG A 230 19.60 0.90 -18.95
CA ARG A 230 19.46 1.95 -19.95
C ARG A 230 18.99 3.22 -19.31
N ILE A 231 18.35 3.03 -18.13
CA ILE A 231 17.44 4.03 -17.54
C ILE A 231 18.28 5.22 -17.01
N VAL A 232 19.17 4.86 -16.13
CA VAL A 232 20.10 5.63 -15.35
C VAL A 232 21.24 6.06 -16.27
N MET A 233 20.92 6.11 -17.57
CA MET A 233 21.86 6.42 -18.64
C MET A 233 22.43 7.81 -18.62
N SER A 234 22.21 8.52 -17.51
CA SER A 234 22.95 9.77 -17.20
C SER A 234 24.34 9.53 -16.68
N THR A 235 25.12 8.75 -17.44
CA THR A 235 26.53 8.52 -17.02
C THR A 235 27.34 9.79 -17.08
N ASN A 236 26.64 10.92 -17.13
CA ASN A 236 27.26 12.24 -17.23
C ASN A 236 27.73 12.69 -15.84
N ASN A 237 28.81 12.14 -15.37
CA ASN A 237 29.39 12.42 -14.03
C ASN A 237 30.30 13.63 -14.04
N ASP A 238 30.43 14.28 -15.20
CA ASP A 238 31.19 15.50 -15.31
C ASP A 238 30.40 16.77 -15.17
N ASP A 239 29.12 16.74 -15.53
CA ASP A 239 28.18 17.84 -15.42
C ASP A 239 27.00 17.59 -14.52
N PRO A 240 27.41 17.48 -13.15
CA PRO A 240 26.17 17.09 -12.36
C PRO A 240 24.96 17.94 -12.68
N ALA A 241 25.00 19.23 -12.65
CA ALA A 241 23.76 20.03 -12.74
C ALA A 241 23.04 19.90 -14.07
N GLY A 242 23.89 19.65 -15.08
CA GLY A 242 23.53 19.53 -16.46
C GLY A 242 23.31 18.13 -16.96
N ALA A 243 23.53 17.12 -16.12
CA ALA A 243 23.39 15.72 -16.49
C ALA A 243 21.96 15.32 -16.91
N CYS A 244 20.93 15.77 -16.19
CA CYS A 244 19.55 15.40 -16.57
C CYS A 244 18.93 16.37 -17.55
N ARG A 245 18.09 15.87 -18.47
CA ARG A 245 17.44 16.62 -19.48
C ARG A 245 16.14 15.99 -20.02
N PRO A 246 15.15 16.25 -19.04
CA PRO A 246 13.85 15.61 -19.52
C PRO A 246 13.71 15.50 -21.00
N PHE A 247 13.12 16.39 -21.78
CA PHE A 247 12.54 16.26 -23.10
C PHE A 247 13.56 16.69 -24.14
N ASP A 248 14.80 16.86 -23.68
CA ASP A 248 15.82 17.30 -24.62
C ASP A 248 16.21 16.12 -25.50
N ARG A 249 16.21 16.34 -26.81
CA ARG A 249 16.55 15.29 -27.77
C ARG A 249 17.83 14.50 -27.45
N ASP A 250 18.78 15.16 -26.77
CA ASP A 250 20.06 14.55 -26.41
C ASP A 250 20.04 13.74 -25.09
N ARG A 251 18.88 13.68 -24.45
CA ARG A 251 18.72 12.97 -23.19
C ARG A 251 19.23 11.52 -23.23
N ASP A 252 19.97 11.13 -22.19
CA ASP A 252 20.50 9.76 -22.09
C ASP A 252 19.81 8.92 -20.99
N GLY A 253 19.75 9.47 -19.78
CA GLY A 253 19.12 8.78 -18.67
C GLY A 253 18.57 9.68 -17.57
N PHE A 254 18.32 9.09 -16.41
CA PHE A 254 17.78 9.85 -15.29
C PHE A 254 18.74 9.85 -14.12
N VAL A 255 18.53 10.76 -13.18
CA VAL A 255 19.36 10.89 -12.00
C VAL A 255 18.56 10.58 -10.73
N PHE A 256 19.22 9.94 -9.77
CA PHE A 256 18.55 9.62 -8.51
C PHE A 256 18.65 10.82 -7.57
N GLY A 257 17.57 11.09 -6.82
CA GLY A 257 17.54 12.20 -5.88
C GLY A 257 16.82 11.85 -4.59
N GLU A 258 17.19 12.47 -3.47
CA GLU A 258 16.53 12.17 -2.20
C GLU A 258 15.47 13.20 -1.85
N GLY A 259 14.60 12.84 -0.91
CA GLY A 259 13.54 13.76 -0.52
C GLY A 259 12.34 13.11 0.11
N GLY A 260 11.47 13.95 0.68
CA GLY A 260 10.25 13.49 1.31
C GLY A 260 9.25 14.62 1.23
N ALA A 261 7.97 14.31 1.08
CA ALA A 261 6.96 15.36 0.99
C ALA A 261 5.61 14.95 1.56
N LEU A 262 5.03 15.85 2.35
CA LEU A 262 3.73 15.62 2.96
C LEU A 262 2.83 16.83 2.80
N LEU A 263 1.54 16.58 2.72
CA LEU A 263 0.56 17.64 2.58
C LEU A 263 -0.55 17.44 3.61
N LEU A 264 -1.36 18.44 3.75
CA LEU A 264 -2.53 18.42 4.59
C LEU A 264 -3.76 18.82 3.76
N ILE A 265 -4.47 17.80 3.42
CA ILE A 265 -5.69 17.78 2.58
C ILE A 265 -6.89 17.81 3.45
N GLU A 266 -7.91 18.55 3.10
CA GLU A 266 -9.12 18.62 3.94
C GLU A 266 -10.23 19.25 3.14
N THR A 267 -11.42 18.84 3.42
CA THR A 267 -12.60 19.41 2.76
C THR A 267 -12.62 20.92 2.96
N GLU A 268 -13.17 21.62 1.96
CA GLU A 268 -13.25 23.06 2.00
C GLU A 268 -14.10 23.54 3.17
N GLU A 269 -15.17 22.80 3.47
CA GLU A 269 -16.05 23.15 4.58
C GLU A 269 -15.33 23.03 5.91
N HIS A 270 -14.53 21.98 6.05
CA HIS A 270 -13.75 21.73 7.26
C HIS A 270 -12.73 22.86 7.43
N ALA A 271 -11.94 23.10 6.40
CA ALA A 271 -10.93 24.14 6.44
C ALA A 271 -11.43 25.51 6.85
N LYS A 272 -12.61 25.91 6.36
CA LYS A 272 -13.20 27.21 6.67
C LYS A 272 -13.67 27.36 8.12
N ALA A 273 -14.15 26.26 8.69
CA ALA A 273 -14.61 26.24 10.09
C ALA A 273 -13.50 26.59 11.11
N ARG A 274 -12.28 26.62 10.68
CA ARG A 274 -11.06 26.94 11.46
C ARG A 274 -10.15 27.86 10.71
N GLY A 275 -10.64 28.35 9.56
CA GLY A 275 -9.85 29.40 8.89
C GLY A 275 -8.40 29.00 8.74
N ALA A 276 -8.16 28.14 7.71
CA ALA A 276 -6.81 27.71 7.37
C ALA A 276 -6.30 28.57 6.21
N ASN A 277 -5.08 28.31 5.74
CA ASN A 277 -4.53 29.07 4.62
C ASN A 277 -4.56 28.18 3.38
N ILE A 278 -5.66 28.23 2.67
CA ILE A 278 -5.89 27.39 1.49
C ILE A 278 -4.92 27.81 0.40
N LEU A 279 -4.15 26.86 -0.11
CA LEU A 279 -3.16 27.21 -1.15
C LEU A 279 -3.76 26.98 -2.52
N ALA A 280 -4.36 25.78 -2.60
CA ALA A 280 -4.91 25.35 -3.93
C ALA A 280 -6.12 24.48 -3.70
N ARG A 281 -6.57 23.69 -4.65
CA ARG A 281 -7.56 22.69 -4.33
C ARG A 281 -7.29 21.38 -5.01
N ILE A 282 -7.66 20.27 -4.42
CA ILE A 282 -7.47 18.95 -5.06
C ILE A 282 -8.81 18.48 -5.61
N MET A 283 -8.95 18.26 -6.91
CA MET A 283 -10.25 17.99 -7.50
C MET A 283 -10.43 16.64 -8.20
N GLY A 284 -9.35 15.89 -8.36
CA GLY A 284 -9.45 14.60 -9.02
C GLY A 284 -8.21 13.74 -8.93
N ALA A 285 -8.36 12.44 -9.20
CA ALA A 285 -7.24 11.50 -9.15
C ALA A 285 -7.63 10.10 -9.62
N SER A 286 -6.85 9.54 -10.53
CA SER A 286 -7.14 8.21 -11.05
C SER A 286 -5.93 7.28 -10.95
N ILE A 287 -6.21 5.99 -10.89
CA ILE A 287 -5.14 5.00 -10.79
C ILE A 287 -5.32 3.98 -11.90
N THR A 288 -4.28 3.82 -12.71
CA THR A 288 -4.28 2.91 -13.84
C THR A 288 -3.00 2.08 -13.89
N SER A 289 -2.95 1.12 -14.82
CA SER A 289 -1.79 0.27 -15.02
C SER A 289 -1.59 -0.06 -16.51
N ASP A 290 -0.33 -0.31 -16.90
CA ASP A 290 -0.01 -0.65 -18.28
C ASP A 290 -0.18 -2.12 -18.61
N GLY A 291 0.15 -2.97 -17.64
CA GLY A 291 0.03 -4.42 -17.87
C GLY A 291 0.77 -4.81 -19.14
N PHE A 292 1.66 -3.88 -19.55
CA PHE A 292 2.62 -4.07 -20.60
C PHE A 292 3.91 -4.72 -20.23
N HIS A 293 4.93 -3.99 -19.86
CA HIS A 293 6.26 -4.42 -19.48
C HIS A 293 6.44 -4.17 -17.97
N MET A 294 7.21 -5.01 -17.34
CA MET A 294 7.46 -4.86 -15.91
C MET A 294 8.59 -3.89 -15.58
N VAL A 295 9.10 -3.21 -16.60
CA VAL A 295 10.17 -2.23 -16.44
C VAL A 295 9.91 -1.04 -17.38
N ALA A 296 9.35 -1.35 -18.56
CA ALA A 296 9.06 -0.35 -19.59
C ALA A 296 7.57 0.03 -19.77
N PRO A 297 7.31 1.33 -19.98
CA PRO A 297 5.98 1.89 -20.19
C PRO A 297 5.57 1.79 -21.66
N ASP A 298 4.31 1.42 -21.94
CA ASP A 298 3.86 1.29 -23.32
C ASP A 298 4.23 2.54 -24.11
N PRO A 299 4.87 2.37 -25.29
CA PRO A 299 5.29 3.48 -26.13
C PRO A 299 4.20 4.37 -26.67
N ASN A 300 2.96 3.97 -26.57
CA ASN A 300 1.83 4.81 -26.93
C ASN A 300 1.26 5.61 -25.79
N GLY A 301 1.34 5.03 -24.58
CA GLY A 301 0.87 5.71 -23.38
C GLY A 301 -0.63 5.77 -23.39
N GLU A 302 -1.22 4.66 -23.83
CA GLU A 302 -2.68 4.56 -23.91
C GLU A 302 -3.32 4.68 -22.52
N ARG A 303 -2.90 3.83 -21.59
CA ARG A 303 -3.44 3.82 -20.23
C ARG A 303 -2.95 4.99 -19.36
N ALA A 304 -1.79 5.53 -19.69
CA ALA A 304 -1.24 6.64 -18.94
C ALA A 304 -2.03 7.89 -19.30
N GLY A 305 -2.35 8.03 -20.58
CA GLY A 305 -3.11 9.17 -21.04
C GLY A 305 -4.54 9.09 -20.55
N HIS A 306 -5.00 7.87 -20.28
CA HIS A 306 -6.35 7.63 -19.81
C HIS A 306 -6.57 8.08 -18.36
N ALA A 307 -5.52 8.00 -17.54
CA ALA A 307 -5.61 8.40 -16.14
C ALA A 307 -5.77 9.92 -16.04
N ILE A 308 -5.36 10.62 -17.10
CA ILE A 308 -5.47 12.07 -17.16
C ILE A 308 -6.92 12.40 -17.46
N THR A 309 -7.51 11.61 -18.35
CA THR A 309 -8.90 11.79 -18.76
C THR A 309 -9.84 11.64 -17.57
N ARG A 310 -9.50 10.73 -16.66
CA ARG A 310 -10.30 10.46 -15.46
C ARG A 310 -10.12 11.49 -14.35
N ALA A 311 -8.91 11.98 -14.21
CA ALA A 311 -8.64 13.00 -13.20
C ALA A 311 -9.40 14.25 -13.62
N ILE A 312 -9.44 14.48 -14.93
CA ILE A 312 -10.11 15.65 -15.50
C ILE A 312 -11.61 15.53 -15.38
N GLN A 313 -12.13 14.30 -15.52
CA GLN A 313 -13.57 14.08 -15.41
C GLN A 313 -14.07 14.07 -13.97
N LEU A 314 -13.35 13.39 -13.08
CA LEU A 314 -13.75 13.32 -11.67
C LEU A 314 -13.68 14.70 -11.04
N ALA A 315 -12.97 15.61 -11.70
CA ALA A 315 -12.82 16.99 -11.23
C ALA A 315 -13.89 17.89 -11.86
N GLY A 316 -14.61 17.35 -12.84
CA GLY A 316 -15.66 18.10 -13.53
C GLY A 316 -15.09 19.18 -14.42
N LEU A 317 -14.03 18.84 -15.16
CA LEU A 317 -13.38 19.79 -16.05
C LEU A 317 -13.33 19.25 -17.46
N ALA A 318 -12.71 20.04 -18.34
CA ALA A 318 -12.56 19.66 -19.74
C ALA A 318 -11.08 19.77 -20.13
N PRO A 319 -10.66 18.99 -21.14
CA PRO A 319 -9.29 18.99 -21.62
C PRO A 319 -8.74 20.40 -21.85
N GLY A 320 -9.63 21.33 -22.14
CA GLY A 320 -9.21 22.70 -22.39
C GLY A 320 -9.00 23.59 -21.18
N ASP A 321 -9.41 23.11 -20.01
CA ASP A 321 -9.25 23.89 -18.78
C ASP A 321 -7.87 23.74 -18.14
N ILE A 322 -7.15 22.70 -18.55
CA ILE A 322 -5.81 22.45 -18.00
C ILE A 322 -4.78 23.41 -18.59
N ASP A 323 -4.17 24.21 -17.73
CA ASP A 323 -3.17 25.19 -18.16
C ASP A 323 -1.74 24.71 -17.93
N HIS A 324 -1.54 23.91 -16.90
CA HIS A 324 -0.23 23.42 -16.55
C HIS A 324 -0.24 21.91 -16.42
N VAL A 325 0.95 21.30 -16.58
CA VAL A 325 1.10 19.86 -16.46
C VAL A 325 2.50 19.55 -15.92
N ASN A 326 2.61 19.35 -14.61
CA ASN A 326 3.89 19.05 -13.99
C ASN A 326 4.32 17.62 -14.29
N ALA A 327 4.83 17.45 -15.51
CA ALA A 327 5.27 16.17 -16.01
C ALA A 327 6.14 15.34 -15.07
N HIS A 328 6.12 14.04 -15.34
CA HIS A 328 6.89 13.03 -14.63
C HIS A 328 7.89 12.56 -15.68
N ALA A 329 8.80 13.45 -16.07
CA ALA A 329 9.81 13.10 -17.07
C ALA A 329 11.16 13.01 -16.38
N THR A 330 11.71 11.81 -16.38
CA THR A 330 13.00 11.55 -15.75
C THR A 330 14.18 11.95 -16.64
N GLY A 331 14.03 11.70 -17.94
CA GLY A 331 15.07 12.02 -18.89
C GLY A 331 15.49 10.77 -19.65
N THR A 332 14.71 9.69 -19.48
CA THR A 332 15.00 8.43 -20.15
C THR A 332 14.43 8.42 -21.56
N GLN A 333 15.19 7.86 -22.48
CA GLN A 333 14.81 7.80 -23.88
C GLN A 333 13.38 7.38 -24.17
N VAL A 334 13.00 6.19 -23.70
CA VAL A 334 11.66 5.65 -23.92
C VAL A 334 10.60 6.15 -22.94
N GLY A 335 11.05 6.74 -21.83
CA GLY A 335 10.12 7.24 -20.83
C GLY A 335 9.49 8.57 -21.15
N ASP A 336 10.29 9.54 -21.57
CA ASP A 336 9.79 10.88 -21.91
C ASP A 336 8.97 10.92 -23.19
N LEU A 337 9.29 10.02 -24.12
CA LEU A 337 8.58 9.94 -25.39
C LEU A 337 7.17 9.38 -25.21
N ALA A 338 7.04 8.37 -24.37
CA ALA A 338 5.76 7.75 -24.09
C ALA A 338 4.84 8.69 -23.29
N GLU A 339 5.45 9.62 -22.54
CA GLU A 339 4.67 10.57 -21.75
C GLU A 339 4.10 11.66 -22.64
N GLY A 340 4.96 12.21 -23.51
CA GLY A 340 4.52 13.26 -24.40
C GLY A 340 3.36 12.76 -25.26
N ARG A 341 3.41 11.47 -25.58
CA ARG A 341 2.39 10.83 -26.38
C ARG A 341 1.10 10.66 -25.58
N ALA A 342 1.23 10.53 -24.25
CA ALA A 342 0.08 10.34 -23.37
C ALA A 342 -0.60 11.67 -23.04
N ILE A 343 0.16 12.76 -23.13
CA ILE A 343 -0.37 14.10 -22.86
C ILE A 343 -1.29 14.51 -24.01
N ASN A 344 -0.83 14.24 -25.22
CA ASN A 344 -1.57 14.55 -26.45
C ASN A 344 -2.79 13.65 -26.62
N ASN A 345 -2.75 12.46 -26.04
CA ASN A 345 -3.89 11.55 -26.15
C ASN A 345 -5.05 12.05 -25.30
N ALA A 346 -4.76 12.62 -24.14
CA ALA A 346 -5.81 13.11 -23.26
C ALA A 346 -6.26 14.51 -23.68
N LEU A 347 -5.29 15.39 -23.89
CA LEU A 347 -5.58 16.76 -24.27
C LEU A 347 -6.04 16.93 -25.71
N GLY A 348 -5.26 16.38 -26.64
CA GLY A 348 -5.58 16.47 -28.05
C GLY A 348 -4.92 17.69 -28.70
N GLY A 349 -5.73 18.68 -29.03
CA GLY A 349 -5.22 19.88 -29.66
C GLY A 349 -4.72 20.94 -28.68
N ASN A 350 -5.30 20.95 -27.48
CA ASN A 350 -4.90 21.90 -26.46
C ASN A 350 -3.41 21.72 -26.15
N ARG A 351 -2.78 22.78 -25.66
CA ARG A 351 -1.36 22.73 -25.34
C ARG A 351 -1.01 23.55 -24.11
N PRO A 352 -0.81 22.87 -22.97
CA PRO A 352 -0.46 23.50 -21.69
C PRO A 352 1.07 23.59 -21.50
N ALA A 353 1.49 24.46 -20.58
CA ALA A 353 2.90 24.65 -20.27
C ALA A 353 3.43 23.52 -19.41
N VAL A 354 4.31 22.72 -20.00
CA VAL A 354 4.88 21.59 -19.31
C VAL A 354 6.18 21.89 -18.59
N TYR A 355 6.33 21.27 -17.42
CA TYR A 355 7.52 21.41 -16.56
C TYR A 355 7.83 20.16 -15.74
N ALA A 356 8.92 19.48 -16.07
CA ALA A 356 9.33 18.27 -15.36
C ALA A 356 10.43 18.66 -14.36
N PRO A 357 10.06 18.80 -13.08
CA PRO A 357 11.00 19.19 -12.02
C PRO A 357 12.20 18.27 -11.71
N LYS A 358 12.10 16.98 -12.08
CA LYS A 358 13.19 16.03 -11.81
C LYS A 358 14.55 16.54 -12.29
N SER A 359 14.58 17.15 -13.47
CA SER A 359 15.84 17.65 -14.01
C SER A 359 16.55 18.63 -13.08
N ALA A 360 15.80 19.26 -12.19
CA ALA A 360 16.38 20.22 -11.27
C ALA A 360 16.61 19.65 -9.87
N LEU A 361 15.93 18.55 -9.57
CA LEU A 361 16.05 17.92 -8.25
C LEU A 361 16.56 16.46 -8.27
N GLY A 362 15.92 15.61 -9.07
CA GLY A 362 16.31 14.22 -9.17
C GLY A 362 15.14 13.28 -9.00
N HIS A 363 15.32 12.02 -9.40
CA HIS A 363 14.25 11.04 -9.28
C HIS A 363 14.23 10.56 -7.83
N SER A 364 13.42 11.17 -7.02
CA SER A 364 12.98 10.86 -5.70
C SER A 364 12.42 9.48 -5.44
N VAL A 365 11.60 8.93 -6.29
CA VAL A 365 11.01 7.64 -6.39
C VAL A 365 9.83 7.49 -5.48
N GLY A 366 10.02 6.98 -4.27
CA GLY A 366 8.84 6.78 -3.41
C GLY A 366 8.14 8.07 -3.07
N ALA A 367 9.10 9.14 -3.07
CA ALA A 367 8.76 10.47 -2.58
C ALA A 367 8.53 11.52 -3.67
N VAL A 368 9.05 11.26 -4.88
CA VAL A 368 8.95 12.19 -6.01
C VAL A 368 7.54 12.62 -6.39
N GLY A 369 6.57 11.72 -6.29
CA GLY A 369 5.21 12.06 -6.64
C GLY A 369 4.60 13.08 -5.69
N ALA A 370 4.95 12.97 -4.41
CA ALA A 370 4.48 13.87 -3.38
C ALA A 370 5.14 15.25 -3.54
N VAL A 371 6.41 15.25 -3.93
CA VAL A 371 7.16 16.47 -4.15
C VAL A 371 6.63 17.25 -5.34
N GLU A 372 6.33 16.56 -6.44
CA GLU A 372 5.82 17.23 -7.63
C GLU A 372 4.39 17.71 -7.44
N SER A 373 3.70 17.13 -6.46
CA SER A 373 2.33 17.51 -6.16
C SER A 373 2.34 18.82 -5.39
N ILE A 374 3.44 19.06 -4.67
CA ILE A 374 3.59 20.28 -3.91
C ILE A 374 4.02 21.40 -4.85
N LEU A 375 4.60 21.02 -5.98
CA LEU A 375 5.06 21.99 -6.98
C LEU A 375 3.90 22.43 -7.87
N THR A 376 2.90 21.58 -8.00
CA THR A 376 1.72 21.89 -8.81
C THR A 376 0.88 22.92 -8.07
N VAL A 377 0.98 22.87 -6.75
CA VAL A 377 0.23 23.79 -5.90
C VAL A 377 0.84 25.18 -5.92
N LEU A 378 2.16 25.26 -5.73
CA LEU A 378 2.85 26.54 -5.71
C LEU A 378 2.71 27.26 -7.03
N ALA A 379 2.60 26.50 -8.10
CA ALA A 379 2.45 27.08 -9.42
C ALA A 379 1.08 27.79 -9.48
N LEU A 380 0.08 27.24 -8.79
CA LEU A 380 -1.27 27.83 -8.75
C LEU A 380 -1.33 28.99 -7.75
N ARG A 381 -0.70 28.81 -6.60
CA ARG A 381 -0.67 29.84 -5.56
C ARG A 381 0.13 31.04 -6.01
N ASP A 382 1.04 30.83 -6.96
CA ASP A 382 1.88 31.91 -7.45
C ASP A 382 1.71 32.26 -8.92
N GLN A 383 1.12 31.35 -9.70
CA GLN A 383 0.90 31.62 -11.11
C GLN A 383 2.23 31.76 -11.86
N VAL A 384 3.27 31.12 -11.32
CA VAL A 384 4.61 31.14 -11.92
C VAL A 384 5.25 29.74 -11.86
N ILE A 385 5.74 29.27 -13.00
CA ILE A 385 6.36 27.95 -13.09
C ILE A 385 7.85 28.08 -13.42
N PRO A 386 8.71 27.38 -12.68
CA PRO A 386 10.15 27.49 -13.00
C PRO A 386 10.47 26.75 -14.30
N PRO A 387 11.72 26.87 -14.78
CA PRO A 387 12.11 26.20 -16.03
C PRO A 387 12.52 24.73 -15.87
N THR A 388 12.38 23.99 -16.93
CA THR A 388 13.10 22.73 -16.97
C THR A 388 14.55 23.05 -17.26
N LEU A 389 15.45 22.61 -16.40
CA LEU A 389 16.80 23.09 -16.43
C LEU A 389 17.53 22.96 -17.73
N ASN A 390 17.64 21.73 -18.27
CA ASN A 390 18.64 21.62 -19.38
C ASN A 390 17.87 21.37 -20.65
N LEU A 391 17.60 22.44 -21.42
CA LEU A 391 16.77 22.20 -22.62
C LEU A 391 17.21 23.03 -23.78
N VAL A 392 17.64 22.42 -24.87
CA VAL A 392 18.05 23.18 -26.06
C VAL A 392 17.23 22.79 -27.29
N ASN A 393 17.19 21.49 -27.61
CA ASN A 393 16.42 21.01 -28.74
C ASN A 393 15.38 20.00 -28.30
N LEU A 394 14.15 20.48 -28.21
CA LEU A 394 13.03 19.64 -27.80
C LEU A 394 12.92 18.47 -28.76
N ASP A 395 13.02 17.26 -28.23
CA ASP A 395 12.92 16.04 -29.04
C ASP A 395 11.90 16.24 -30.16
N PRO A 396 12.29 15.91 -31.42
CA PRO A 396 11.40 16.05 -32.58
C PRO A 396 10.19 15.11 -32.60
N GLU A 397 10.19 14.11 -31.72
CA GLU A 397 9.08 13.17 -31.66
C GLU A 397 8.12 13.62 -30.57
N ILE A 398 8.57 14.62 -29.80
CA ILE A 398 7.81 15.15 -28.69
C ILE A 398 7.13 16.47 -29.01
N ASP A 399 5.80 16.48 -28.91
CA ASP A 399 5.02 17.68 -29.20
C ASP A 399 4.42 18.27 -27.92
N LEU A 400 5.20 19.11 -27.25
CA LEU A 400 4.77 19.74 -25.99
C LEU A 400 5.40 21.11 -25.81
N ASP A 401 4.68 21.98 -25.13
CA ASP A 401 5.19 23.31 -24.87
C ASP A 401 5.87 23.23 -23.54
N VAL A 402 7.14 22.84 -23.55
CA VAL A 402 7.87 22.70 -22.31
C VAL A 402 8.56 24.00 -21.93
N VAL A 403 8.35 24.43 -20.68
CA VAL A 403 8.97 25.64 -20.18
C VAL A 403 10.46 25.33 -20.05
N ALA A 404 11.31 26.22 -20.55
CA ALA A 404 12.74 25.96 -20.45
C ALA A 404 13.54 27.23 -20.25
N GLY A 405 12.98 28.34 -20.74
CA GLY A 405 13.81 29.56 -20.79
C GLY A 405 13.86 30.14 -19.37
N GLU A 406 12.72 30.82 -19.12
CA GLU A 406 12.52 31.54 -17.87
C GLU A 406 11.17 31.18 -17.26
N PRO A 407 11.05 31.26 -15.94
CA PRO A 407 9.76 30.93 -15.31
C PRO A 407 8.69 31.71 -16.07
N ARG A 408 7.54 31.10 -16.29
CA ARG A 408 6.50 31.77 -17.05
C ARG A 408 5.26 32.09 -16.23
N PRO A 409 5.15 33.34 -15.74
CA PRO A 409 3.95 33.68 -14.96
C PRO A 409 2.78 33.86 -15.92
N GLY A 410 1.56 33.94 -15.40
CA GLY A 410 0.42 34.10 -16.29
C GLY A 410 -0.88 33.78 -15.59
N ASN A 411 -1.86 33.27 -16.32
CA ASN A 411 -3.12 32.91 -15.71
C ASN A 411 -3.27 31.39 -15.76
N TYR A 412 -3.21 30.76 -14.60
CA TYR A 412 -3.32 29.30 -14.50
C TYR A 412 -4.53 28.88 -13.68
N ARG A 413 -5.64 28.65 -14.38
CA ARG A 413 -6.87 28.23 -13.74
C ARG A 413 -6.73 26.83 -13.14
N TYR A 414 -6.33 25.87 -13.97
CA TYR A 414 -6.18 24.48 -13.50
C TYR A 414 -4.89 23.80 -13.93
N ALA A 415 -4.60 22.66 -13.33
CA ALA A 415 -3.37 21.92 -13.64
C ALA A 415 -3.45 20.43 -13.28
N ILE A 416 -2.47 19.67 -13.77
CA ILE A 416 -2.40 18.24 -13.50
C ILE A 416 -0.98 17.74 -13.27
N ASN A 417 -0.82 16.92 -12.23
CA ASN A 417 0.47 16.35 -11.90
C ASN A 417 0.53 14.91 -12.39
N ASN A 418 1.61 14.59 -13.09
CA ASN A 418 1.81 13.25 -13.63
C ASN A 418 2.85 12.44 -12.87
N SER A 419 2.53 11.18 -12.56
CA SER A 419 3.43 10.27 -11.89
C SER A 419 3.26 8.86 -12.45
N PHE A 420 4.15 8.48 -13.37
CA PHE A 420 4.09 7.17 -13.99
C PHE A 420 5.34 6.35 -13.68
N GLY A 421 5.21 5.50 -12.66
CA GLY A 421 6.33 4.69 -12.22
C GLY A 421 6.66 3.40 -12.93
N PHE A 422 7.91 2.98 -12.72
CA PHE A 422 8.47 1.76 -13.28
C PHE A 422 7.48 0.61 -13.05
N GLY A 423 7.24 -0.18 -14.09
CA GLY A 423 6.33 -1.28 -13.94
C GLY A 423 4.95 -0.93 -14.47
N GLY A 424 4.76 0.33 -14.85
CA GLY A 424 3.47 0.74 -15.39
C GLY A 424 2.42 1.12 -14.34
N HIS A 425 2.79 1.98 -13.41
CA HIS A 425 1.88 2.45 -12.39
C HIS A 425 1.60 3.90 -12.73
N ASN A 426 0.35 4.17 -13.10
CA ASN A 426 -0.04 5.52 -13.50
C ASN A 426 -0.96 6.27 -12.52
N VAL A 427 -0.60 7.52 -12.22
CA VAL A 427 -1.39 8.36 -11.34
C VAL A 427 -1.40 9.78 -11.90
N ALA A 428 -2.58 10.37 -11.97
CA ALA A 428 -2.78 11.73 -12.48
C ALA A 428 -3.72 12.49 -11.51
N ILE A 429 -3.21 13.56 -10.92
CA ILE A 429 -3.99 14.34 -9.97
C ILE A 429 -4.27 15.75 -10.46
N ALA A 430 -5.53 16.16 -10.36
CA ALA A 430 -5.94 17.49 -10.81
C ALA A 430 -5.93 18.50 -9.69
N PHE A 431 -5.13 19.55 -9.87
CA PHE A 431 -5.02 20.61 -8.85
C PHE A 431 -5.58 21.95 -9.31
N GLY A 432 -6.80 22.26 -8.90
CA GLY A 432 -7.40 23.52 -9.27
C GLY A 432 -6.88 24.66 -8.43
N ARG A 433 -6.95 25.87 -8.97
CA ARG A 433 -6.51 27.06 -8.26
C ARG A 433 -7.57 27.42 -7.20
N TYR A 434 -7.23 28.28 -6.26
CA TYR A 434 -8.20 28.67 -5.27
C TYR A 434 -8.47 30.15 -5.44
N HIS B 20 -25.67 10.69 0.43
CA HIS B 20 -26.05 9.32 0.87
C HIS B 20 -25.63 8.26 -0.16
N MET B 21 -24.48 7.65 0.09
CA MET B 21 -23.92 6.63 -0.78
C MET B 21 -23.90 5.26 -0.10
N VAL B 22 -24.61 4.32 -0.70
CA VAL B 22 -24.73 2.97 -0.19
C VAL B 22 -24.73 2.00 -1.35
N THR B 23 -24.40 0.74 -1.08
CA THR B 23 -24.35 -0.29 -2.10
C THR B 23 -25.59 -0.32 -3.02
N GLY B 24 -26.77 -0.02 -2.48
CA GLY B 24 -27.96 -0.05 -3.30
C GLY B 24 -28.27 1.15 -4.19
N LYS B 25 -27.95 2.35 -3.70
CA LYS B 25 -28.21 3.57 -4.45
C LYS B 25 -27.01 4.18 -5.17
N ALA B 26 -26.07 4.73 -4.42
CA ALA B 26 -24.90 5.35 -5.00
C ALA B 26 -23.94 4.39 -5.70
N PHE B 27 -23.86 3.16 -5.21
CA PHE B 27 -22.96 2.19 -5.78
C PHE B 27 -23.67 0.99 -6.43
N PRO B 28 -22.96 0.26 -7.30
CA PRO B 28 -23.54 -0.91 -7.96
C PRO B 28 -23.30 -2.13 -7.07
N TYR B 29 -24.02 -3.23 -7.31
CA TYR B 29 -23.83 -4.43 -6.51
C TYR B 29 -22.65 -5.24 -7.03
N VAL B 30 -21.73 -5.60 -6.14
CA VAL B 30 -20.55 -6.36 -6.54
C VAL B 30 -20.63 -7.79 -6.01
N VAL B 31 -19.98 -8.73 -6.72
CA VAL B 31 -20.01 -10.13 -6.29
C VAL B 31 -18.72 -10.92 -6.46
N VAL B 32 -18.66 -12.05 -5.75
CA VAL B 32 -17.53 -12.97 -5.77
C VAL B 32 -17.82 -14.02 -6.83
N THR B 33 -16.87 -14.25 -7.73
CA THR B 33 -17.06 -15.20 -8.81
C THR B 33 -16.07 -16.38 -8.82
N GLY B 34 -14.98 -16.27 -8.07
CA GLY B 34 -14.00 -17.34 -8.03
C GLY B 34 -13.21 -17.30 -6.74
N ILE B 35 -12.62 -18.43 -6.36
CA ILE B 35 -11.84 -18.50 -5.12
C ILE B 35 -10.53 -19.24 -5.32
N ALA B 36 -9.53 -18.92 -4.50
CA ALA B 36 -8.22 -19.57 -4.60
C ALA B 36 -7.33 -19.25 -3.41
N MET B 37 -6.97 -20.28 -2.63
CA MET B 37 -6.09 -20.06 -1.49
C MET B 37 -5.30 -21.30 -1.08
N THR B 38 -4.13 -21.06 -0.52
CA THR B 38 -3.25 -22.12 -0.06
C THR B 38 -2.98 -21.91 1.43
N THR B 39 -3.36 -22.91 2.22
CA THR B 39 -3.20 -22.86 3.67
C THR B 39 -2.44 -24.07 4.25
N ALA B 40 -2.40 -24.15 5.57
CA ALA B 40 -1.73 -25.22 6.29
C ALA B 40 -2.51 -26.54 6.21
N LEU B 41 -3.81 -26.48 6.45
CA LEU B 41 -4.63 -27.69 6.39
C LEU B 41 -4.60 -28.33 5.00
N ALA B 42 -5.07 -27.62 3.98
CA ALA B 42 -5.08 -28.13 2.62
C ALA B 42 -4.33 -27.19 1.67
N THR B 43 -4.04 -27.68 0.48
CA THR B 43 -3.31 -26.90 -0.48
C THR B 43 -4.26 -26.09 -1.37
N ASP B 44 -5.56 -26.20 -1.11
CA ASP B 44 -6.57 -25.46 -1.88
C ASP B 44 -7.72 -25.04 -0.98
N ALA B 45 -8.51 -24.07 -1.43
CA ALA B 45 -9.62 -23.55 -0.64
C ALA B 45 -10.68 -24.58 -0.28
N GLU B 46 -11.10 -25.36 -1.27
CA GLU B 46 -12.14 -26.36 -1.07
C GLU B 46 -11.81 -27.45 -0.08
N THR B 47 -10.63 -28.04 -0.22
CA THR B 47 -10.22 -29.10 0.68
C THR B 47 -10.07 -28.55 2.09
N THR B 48 -9.45 -27.38 2.22
CA THR B 48 -9.25 -26.74 3.51
C THR B 48 -10.57 -26.60 4.28
N TRP B 49 -11.64 -26.22 3.57
CA TRP B 49 -12.96 -26.04 4.16
C TRP B 49 -13.45 -27.35 4.76
N LYS B 50 -13.33 -28.43 4.01
CA LYS B 50 -13.75 -29.75 4.48
C LYS B 50 -13.01 -30.12 5.76
N LEU B 51 -11.69 -29.98 5.74
CA LEU B 51 -10.86 -30.29 6.89
C LEU B 51 -11.23 -29.44 8.10
N LEU B 52 -11.66 -28.22 7.84
CA LEU B 52 -12.04 -27.28 8.90
C LEU B 52 -13.31 -27.66 9.61
N LEU B 53 -14.30 -28.12 8.83
CA LEU B 53 -15.57 -28.54 9.39
C LEU B 53 -15.42 -29.86 10.13
N ASP B 54 -14.32 -30.56 9.86
CA ASP B 54 -14.08 -31.85 10.49
C ASP B 54 -13.19 -31.70 11.73
N ARG B 55 -13.03 -30.47 12.19
CA ARG B 55 -12.22 -30.16 13.37
C ARG B 55 -10.79 -30.64 13.32
N GLN B 56 -10.05 -30.24 12.29
CA GLN B 56 -8.65 -30.61 12.19
C GLN B 56 -7.76 -29.37 12.22
N SER B 57 -6.62 -29.48 12.90
CA SER B 57 -5.69 -28.38 13.01
C SER B 57 -4.61 -28.53 11.95
N GLY B 58 -3.89 -27.45 11.66
CA GLY B 58 -2.85 -27.52 10.65
C GLY B 58 -1.48 -27.22 11.26
N ILE B 59 -1.44 -27.21 12.58
CA ILE B 59 -0.21 -26.89 13.33
C ILE B 59 0.53 -28.19 13.60
N ARG B 60 1.82 -28.06 13.63
CA ARG B 60 2.79 -29.14 13.89
C ARG B 60 4.00 -28.54 14.58
N THR B 61 4.95 -29.40 14.92
CA THR B 61 6.20 -29.11 15.59
C THR B 61 7.10 -28.27 14.67
N LEU B 62 7.45 -27.11 15.10
CA LEU B 62 8.25 -26.20 14.27
C LEU B 62 9.64 -26.74 14.07
N ASP B 63 9.81 -27.51 13.00
CA ASP B 63 11.11 -28.11 12.70
C ASP B 63 12.02 -27.26 11.85
N ASP B 64 13.05 -26.69 12.46
CA ASP B 64 14.01 -25.84 11.76
C ASP B 64 15.31 -25.70 12.58
N PRO B 65 16.45 -25.39 11.92
CA PRO B 65 17.77 -25.23 12.55
C PRO B 65 17.93 -23.94 13.36
N PHE B 66 17.20 -22.90 12.97
CA PHE B 66 17.24 -21.62 13.65
C PHE B 66 16.16 -21.51 14.73
N VAL B 67 15.36 -22.58 14.86
CA VAL B 67 14.28 -22.65 15.83
C VAL B 67 14.46 -23.86 16.78
N GLU B 68 14.59 -25.06 16.20
CA GLU B 68 14.77 -26.28 16.99
C GLU B 68 16.18 -26.47 17.55
N GLU B 69 17.12 -25.66 17.08
CA GLU B 69 18.49 -25.76 17.56
C GLU B 69 18.96 -24.50 18.32
N PHE B 70 18.99 -23.38 17.63
CA PHE B 70 19.16 -22.06 18.11
C PHE B 70 17.96 -21.32 18.63
N ASP B 71 17.63 -21.56 19.86
CA ASP B 71 16.97 -20.82 20.89
C ASP B 71 15.66 -20.18 20.58
N LEU B 72 14.62 -21.02 20.31
CA LEU B 72 13.26 -20.44 20.30
C LEU B 72 12.36 -20.95 21.38
N PRO B 73 11.95 -20.03 22.39
CA PRO B 73 10.97 -20.78 23.28
C PRO B 73 9.79 -21.38 22.59
N VAL B 74 9.28 -20.91 21.51
CA VAL B 74 8.14 -21.43 20.76
C VAL B 74 8.59 -22.28 19.56
N ARG B 75 8.35 -23.59 19.66
CA ARG B 75 8.73 -24.54 18.63
C ARG B 75 7.49 -25.14 18.00
N ILE B 76 6.48 -24.31 17.77
CA ILE B 76 5.25 -24.79 17.17
C ILE B 76 4.68 -23.76 16.17
N GLY B 77 4.10 -24.28 15.09
CA GLY B 77 3.54 -23.42 14.07
C GLY B 77 2.87 -24.18 12.93
N GLY B 78 2.19 -23.44 12.05
CA GLY B 78 1.50 -24.04 10.92
C GLY B 78 2.11 -23.70 9.58
N HIS B 79 2.91 -24.63 9.05
CA HIS B 79 3.55 -24.45 7.76
C HIS B 79 2.58 -24.88 6.68
N LEU B 80 2.95 -24.66 5.43
CA LEU B 80 2.10 -25.05 4.30
C LEU B 80 2.22 -26.55 3.99
N LEU B 81 1.96 -26.90 2.74
CA LEU B 81 2.04 -28.30 2.31
C LEU B 81 2.46 -28.39 0.84
N GLU B 82 3.17 -27.37 0.35
CA GLU B 82 3.62 -27.38 -1.04
C GLU B 82 4.71 -26.36 -1.32
N GLU B 83 5.34 -26.50 -2.48
CA GLU B 83 6.40 -25.61 -2.94
C GLU B 83 6.10 -25.17 -4.36
N PHE B 84 6.27 -23.92 -4.62
CA PHE B 84 5.98 -23.31 -5.94
C PHE B 84 7.22 -23.36 -6.78
N ASP B 85 7.65 -24.59 -7.14
CA ASP B 85 8.92 -24.81 -7.89
C ASP B 85 8.63 -25.62 -9.14
N HIS B 86 8.13 -26.81 -8.96
CA HIS B 86 7.86 -27.86 -9.94
C HIS B 86 6.67 -27.40 -10.79
N GLN B 87 6.25 -26.17 -10.46
CA GLN B 87 5.09 -25.60 -11.10
C GLN B 87 5.38 -24.62 -12.22
N LEU B 88 6.56 -24.01 -12.21
CA LEU B 88 6.92 -22.97 -13.19
C LEU B 88 8.15 -23.33 -13.98
N THR B 89 8.55 -22.51 -14.94
CA THR B 89 9.67 -22.70 -15.84
C THR B 89 10.98 -22.31 -15.19
N ARG B 90 12.07 -22.65 -15.92
CA ARG B 90 13.43 -22.34 -15.48
C ARG B 90 13.64 -20.84 -15.48
N ILE B 91 13.13 -20.17 -16.50
CA ILE B 91 13.26 -18.72 -16.66
C ILE B 91 12.42 -17.91 -15.65
N GLU B 92 11.24 -18.43 -15.31
CA GLU B 92 10.34 -17.77 -14.36
C GLU B 92 10.86 -17.84 -12.93
N LEU B 93 11.60 -18.93 -12.65
CA LEU B 93 12.18 -19.10 -11.31
C LEU B 93 13.14 -17.97 -10.97
N ARG B 94 14.03 -17.68 -11.92
CA ARG B 94 15.06 -16.70 -11.71
C ARG B 94 14.61 -15.28 -11.86
N ARG B 95 13.38 -15.10 -12.37
CA ARG B 95 12.70 -13.83 -12.51
C ARG B 95 11.78 -13.49 -11.33
N MET B 96 11.51 -14.47 -10.45
CA MET B 96 10.61 -14.23 -9.33
C MET B 96 11.11 -14.69 -7.96
N GLY B 97 10.60 -14.01 -6.93
CA GLY B 97 10.92 -14.34 -5.54
C GLY B 97 9.80 -15.16 -4.95
N TYR B 98 9.91 -15.55 -3.69
CA TYR B 98 8.89 -16.38 -3.06
C TYR B 98 7.45 -15.88 -3.23
N LEU B 99 7.16 -14.71 -2.69
CA LEU B 99 5.80 -14.17 -2.80
C LEU B 99 5.33 -14.12 -4.24
N GLN B 100 6.21 -13.67 -5.13
CA GLN B 100 5.90 -13.56 -6.54
C GLN B 100 5.53 -14.91 -7.15
N ARG B 101 6.23 -15.97 -6.75
CA ARG B 101 5.93 -17.30 -7.28
C ARG B 101 4.56 -17.76 -6.75
N MET B 102 4.28 -17.44 -5.50
CA MET B 102 3.03 -17.82 -4.84
C MET B 102 1.80 -17.19 -5.48
N SER B 103 1.79 -15.87 -5.56
CA SER B 103 0.68 -15.14 -6.17
C SER B 103 0.45 -15.60 -7.61
N THR B 104 1.52 -15.71 -8.39
CA THR B 104 1.42 -16.18 -9.76
C THR B 104 0.59 -17.47 -9.85
N VAL B 105 0.97 -18.46 -9.04
CA VAL B 105 0.28 -19.75 -9.01
C VAL B 105 -1.16 -19.65 -8.54
N LEU B 106 -1.41 -18.84 -7.51
CA LEU B 106 -2.77 -18.70 -7.02
C LEU B 106 -3.67 -18.02 -8.05
N SER B 107 -3.14 -17.00 -8.73
CA SER B 107 -3.95 -16.28 -9.72
C SER B 107 -4.41 -17.25 -10.80
N ARG B 108 -3.48 -18.09 -11.27
CA ARG B 108 -3.80 -19.08 -12.30
C ARG B 108 -4.94 -20.01 -11.86
N ARG B 109 -4.85 -20.50 -10.63
CA ARG B 109 -5.87 -21.38 -10.10
C ARG B 109 -7.18 -20.63 -9.99
N LEU B 110 -7.10 -19.39 -9.53
CA LEU B 110 -8.29 -18.56 -9.37
C LEU B 110 -8.95 -18.29 -10.72
N TRP B 111 -8.14 -17.97 -11.73
CA TRP B 111 -8.67 -17.67 -13.04
C TRP B 111 -9.30 -18.89 -13.69
N GLU B 112 -8.94 -20.07 -13.22
CA GLU B 112 -9.50 -21.30 -13.77
C GLU B 112 -10.76 -21.69 -13.01
N ASN B 113 -10.78 -21.39 -11.72
CA ASN B 113 -11.93 -21.70 -10.87
C ASN B 113 -13.04 -20.74 -11.26
N ALA B 114 -12.66 -19.64 -11.89
CA ALA B 114 -13.61 -18.64 -12.32
C ALA B 114 -14.14 -19.02 -13.71
N GLY B 115 -13.77 -20.21 -14.17
CA GLY B 115 -14.21 -20.68 -15.47
C GLY B 115 -13.36 -20.05 -16.55
N SER B 116 -12.13 -19.69 -16.18
CA SER B 116 -11.18 -19.07 -17.11
C SER B 116 -11.91 -18.03 -17.96
N PRO B 117 -12.45 -16.99 -17.32
CA PRO B 117 -13.18 -15.98 -18.07
C PRO B 117 -12.31 -15.21 -19.01
N GLU B 118 -12.87 -14.56 -20.00
CA GLU B 118 -12.12 -13.64 -20.86
C GLU B 118 -12.77 -12.25 -20.71
N VAL B 119 -12.04 -11.37 -20.11
CA VAL B 119 -12.58 -10.07 -19.68
C VAL B 119 -11.86 -8.95 -20.45
N ASP B 120 -12.41 -7.74 -20.33
CA ASP B 120 -11.82 -6.53 -20.91
C ASP B 120 -10.77 -6.05 -19.92
N THR B 121 -9.49 -6.22 -20.27
CA THR B 121 -8.38 -5.84 -19.41
C THR B 121 -8.25 -4.36 -19.13
N ASN B 122 -9.04 -3.54 -19.81
CA ASN B 122 -9.01 -2.10 -19.60
C ASN B 122 -9.92 -1.78 -18.41
N ARG B 123 -10.65 -2.81 -17.95
CA ARG B 123 -11.56 -2.69 -16.81
C ARG B 123 -11.19 -3.70 -15.73
N LEU B 124 -10.04 -4.34 -15.90
CA LEU B 124 -9.57 -5.34 -14.96
C LEU B 124 -8.45 -4.77 -14.10
N MET B 125 -8.51 -5.03 -12.79
CA MET B 125 -7.49 -4.53 -11.88
C MET B 125 -7.00 -5.60 -10.91
N VAL B 126 -5.89 -5.29 -10.26
CA VAL B 126 -5.27 -6.18 -9.28
C VAL B 126 -4.88 -5.40 -8.03
N SER B 127 -5.12 -6.01 -6.88
CA SER B 127 -4.78 -5.41 -5.61
C SER B 127 -4.34 -6.55 -4.71
N ILE B 128 -3.02 -6.69 -4.52
CA ILE B 128 -2.47 -7.74 -3.67
C ILE B 128 -1.70 -7.05 -2.53
N GLY B 129 -2.13 -7.29 -1.30
CA GLY B 129 -1.45 -6.66 -0.18
C GLY B 129 -0.50 -7.58 0.57
N THR B 130 0.43 -6.98 1.29
CA THR B 130 1.42 -7.73 2.06
C THR B 130 1.70 -7.05 3.38
N GLY B 131 2.42 -7.75 4.26
CA GLY B 131 2.77 -7.16 5.52
C GLY B 131 4.15 -6.51 5.46
N LEU B 132 5.08 -7.31 4.89
CA LEU B 132 6.48 -7.05 4.86
C LEU B 132 7.10 -6.91 3.49
N GLY B 133 6.78 -7.85 2.61
CA GLY B 133 7.35 -7.90 1.25
C GLY B 133 8.52 -8.85 1.15
N SER B 134 9.41 -8.64 0.18
CA SER B 134 10.56 -9.54 0.04
C SER B 134 11.80 -8.97 0.71
N ALA B 135 11.92 -9.25 2.01
CA ALA B 135 13.05 -8.80 2.82
C ALA B 135 14.23 -9.72 2.58
N GLU B 136 13.97 -11.00 2.79
CA GLU B 136 14.98 -12.04 2.59
C GLU B 136 15.67 -11.84 1.26
N GLU B 137 14.96 -11.24 0.31
CA GLU B 137 15.48 -11.01 -1.02
C GLU B 137 16.69 -10.06 -1.07
N LEU B 138 16.74 -9.10 -0.15
CA LEU B 138 17.84 -8.13 -0.08
C LEU B 138 19.18 -8.69 0.39
N VAL B 139 19.12 -9.68 1.28
CA VAL B 139 20.33 -10.31 1.79
C VAL B 139 20.95 -11.13 0.65
N PHE B 140 20.09 -11.61 -0.24
CA PHE B 140 20.49 -12.40 -1.41
C PHE B 140 21.17 -11.52 -2.46
N SER B 141 20.54 -10.39 -2.78
CA SER B 141 21.08 -9.47 -3.78
C SER B 141 22.12 -8.47 -3.28
N TYR B 142 22.06 -8.07 -2.02
CA TYR B 142 23.02 -7.12 -1.49
C TYR B 142 24.39 -7.74 -1.25
N ASP B 143 24.40 -8.96 -0.75
CA ASP B 143 25.64 -9.65 -0.48
C ASP B 143 26.23 -10.23 -1.76
N ASP B 144 25.45 -10.21 -2.83
CA ASP B 144 25.87 -10.73 -4.14
C ASP B 144 26.89 -9.79 -4.79
N MET B 145 26.58 -8.49 -4.82
CA MET B 145 27.47 -7.49 -5.42
C MET B 145 28.85 -7.53 -4.78
N ARG B 146 28.91 -7.94 -3.53
CA ARG B 146 30.15 -8.03 -2.76
C ARG B 146 30.82 -9.39 -2.99
N ALA B 147 30.47 -10.04 -4.08
CA ALA B 147 31.03 -11.35 -4.42
C ALA B 147 31.01 -11.66 -5.92
N ARG B 148 29.82 -11.82 -6.49
CA ARG B 148 29.67 -12.09 -7.93
C ARG B 148 30.11 -10.86 -8.74
N GLY B 149 29.86 -9.68 -8.19
CA GLY B 149 30.22 -8.45 -8.87
C GLY B 149 29.01 -7.57 -9.11
N MET B 150 29.24 -6.36 -9.58
CA MET B 150 28.15 -5.44 -9.85
C MET B 150 27.51 -5.79 -11.20
N LYS B 151 28.26 -6.52 -12.03
CA LYS B 151 27.80 -6.94 -13.35
C LYS B 151 27.45 -8.43 -13.41
N ALA B 152 27.54 -9.12 -12.27
CA ALA B 152 27.23 -10.55 -12.20
C ALA B 152 25.92 -10.84 -11.44
N VAL B 153 24.96 -9.92 -11.60
CA VAL B 153 23.63 -10.04 -10.99
C VAL B 153 22.59 -9.73 -12.06
N SER B 154 21.30 -9.87 -11.71
CA SER B 154 20.22 -9.62 -12.66
C SER B 154 19.67 -8.18 -12.50
N PRO B 155 19.53 -7.45 -13.62
CA PRO B 155 19.04 -6.07 -13.65
C PRO B 155 17.68 -5.79 -12.98
N LEU B 156 16.69 -6.67 -13.18
CA LEU B 156 15.37 -6.46 -12.59
C LEU B 156 15.12 -7.19 -11.26
N THR B 157 16.19 -7.39 -10.46
CA THR B 157 16.09 -8.05 -9.16
C THR B 157 15.52 -7.09 -8.11
N VAL B 158 15.45 -5.81 -8.49
CA VAL B 158 14.89 -4.80 -7.61
C VAL B 158 13.42 -5.17 -7.45
N GLN B 159 12.76 -5.36 -8.58
CA GLN B 159 11.35 -5.72 -8.64
C GLN B 159 10.99 -6.86 -7.72
N LYS B 160 11.93 -7.78 -7.53
CA LYS B 160 11.73 -8.95 -6.69
C LYS B 160 11.49 -8.64 -5.21
N TYR B 161 12.38 -7.84 -4.61
CA TYR B 161 12.29 -7.47 -3.19
C TYR B 161 11.40 -6.28 -2.89
N MET B 162 10.76 -5.77 -3.93
CA MET B 162 9.86 -4.65 -3.81
C MET B 162 8.61 -5.13 -3.09
N PRO B 163 8.02 -4.27 -2.23
CA PRO B 163 6.80 -4.72 -1.54
C PRO B 163 5.60 -4.82 -2.48
N ASN B 164 5.80 -4.49 -3.75
CA ASN B 164 4.72 -4.56 -4.74
C ASN B 164 4.98 -5.61 -5.83
N GLY B 165 5.87 -6.54 -5.54
CA GLY B 165 6.20 -7.58 -6.49
C GLY B 165 5.09 -8.57 -6.75
N ALA B 166 4.43 -9.04 -5.69
CA ALA B 166 3.35 -10.01 -5.82
C ALA B 166 2.20 -9.46 -6.63
N ALA B 167 1.92 -8.16 -6.45
CA ALA B 167 0.85 -7.48 -7.18
C ALA B 167 1.29 -7.20 -8.62
N ALA B 168 2.51 -6.68 -8.76
CA ALA B 168 3.06 -6.37 -10.07
C ALA B 168 3.15 -7.60 -10.95
N ALA B 169 3.53 -8.71 -10.35
CA ALA B 169 3.67 -9.99 -11.03
C ALA B 169 2.35 -10.45 -11.64
N VAL B 170 1.31 -10.48 -10.81
CA VAL B 170 -0.01 -10.90 -11.26
C VAL B 170 -0.60 -9.93 -12.26
N GLY B 171 -0.31 -8.65 -12.09
CA GLY B 171 -0.83 -7.64 -13.00
C GLY B 171 -0.23 -7.77 -14.38
N LEU B 172 0.88 -8.49 -14.47
CA LEU B 172 1.58 -8.71 -15.73
C LEU B 172 1.03 -9.94 -16.46
N GLU B 173 0.86 -11.04 -15.72
CA GLU B 173 0.32 -12.24 -16.35
C GLU B 173 -0.98 -11.91 -17.06
N ARG B 174 -1.96 -11.40 -16.36
CA ARG B 174 -3.14 -10.80 -17.05
C ARG B 174 -2.73 -9.36 -17.37
N HIS B 175 -2.96 -8.93 -18.58
CA HIS B 175 -2.46 -7.58 -18.97
C HIS B 175 -3.33 -6.53 -18.38
N ALA B 176 -3.67 -6.65 -17.09
CA ALA B 176 -4.54 -5.70 -16.37
C ALA B 176 -4.20 -4.22 -16.59
N LYS B 177 -5.21 -3.40 -16.79
CA LYS B 177 -5.01 -1.98 -17.03
C LYS B 177 -5.90 -1.05 -16.19
N ALA B 178 -6.50 -1.57 -15.11
CA ALA B 178 -7.36 -0.74 -14.27
C ALA B 178 -6.69 -0.38 -12.94
N GLY B 179 -5.40 -0.69 -12.82
CA GLY B 179 -4.68 -0.37 -11.61
C GLY B 179 -4.11 -1.59 -10.89
N VAL B 180 -2.85 -1.49 -10.47
CA VAL B 180 -2.11 -2.53 -9.73
C VAL B 180 -1.58 -1.89 -8.44
N MET B 181 -2.21 -2.31 -7.35
CA MET B 181 -2.07 -1.74 -6.02
C MET B 181 -1.61 -2.76 -4.97
N THR B 182 -0.97 -2.28 -3.95
CA THR B 182 -0.29 -2.95 -2.86
C THR B 182 -0.43 -2.21 -1.53
N PRO B 183 -1.65 -2.70 -0.95
CA PRO B 183 -1.76 -2.09 0.44
C PRO B 183 -0.92 -2.78 1.49
N VAL B 184 -0.24 -1.99 2.39
CA VAL B 184 0.66 -2.59 3.40
C VAL B 184 0.22 -2.06 4.79
N SER B 185 -0.45 -2.94 5.53
CA SER B 185 -0.96 -2.75 6.88
C SER B 185 -0.81 -3.88 7.83
N ALA B 186 0.29 -4.62 7.59
CA ALA B 186 0.62 -5.80 8.43
C ALA B 186 -0.51 -6.81 8.32
N CYS B 187 -1.07 -7.15 9.47
CA CYS B 187 -2.14 -8.15 9.62
C CYS B 187 -3.43 -7.90 8.84
N ALA B 188 -3.70 -6.64 8.52
CA ALA B 188 -4.91 -6.28 7.79
C ALA B 188 -4.65 -6.01 6.31
N SER B 189 -3.43 -6.24 5.87
CA SER B 189 -3.06 -6.03 4.48
C SER B 189 -3.97 -6.81 3.52
N GLY B 190 -4.25 -8.06 3.88
CA GLY B 190 -5.11 -8.91 3.07
C GLY B 190 -6.55 -8.45 2.94
N ALA B 191 -7.09 -7.87 4.00
CA ALA B 191 -8.46 -7.37 3.98
C ALA B 191 -8.50 -6.04 3.22
N GLU B 192 -7.51 -5.19 3.47
CA GLU B 192 -7.44 -3.90 2.82
C GLU B 192 -7.31 -4.07 1.31
N ALA B 193 -6.63 -5.12 0.88
CA ALA B 193 -6.47 -5.38 -0.53
C ALA B 193 -7.86 -5.55 -1.13
N ILE B 194 -8.71 -6.28 -0.40
CA ILE B 194 -10.08 -6.54 -0.85
C ILE B 194 -10.96 -5.28 -0.73
N ALA B 195 -10.68 -4.46 0.27
CA ALA B 195 -11.43 -3.22 0.46
C ALA B 195 -11.18 -2.26 -0.70
N ARG B 196 -9.92 -2.17 -1.14
CA ARG B 196 -9.56 -1.31 -2.26
C ARG B 196 -10.21 -1.82 -3.54
N ALA B 197 -10.26 -3.16 -3.69
CA ALA B 197 -10.86 -3.78 -4.85
C ALA B 197 -12.32 -3.38 -4.94
N TRP B 198 -13.05 -3.58 -3.84
CA TRP B 198 -14.46 -3.22 -3.79
C TRP B 198 -14.67 -1.72 -4.01
N GLN B 199 -13.76 -0.91 -3.48
CA GLN B 199 -13.88 0.54 -3.63
C GLN B 199 -13.73 1.00 -5.07
N GLN B 200 -12.67 0.56 -5.75
CA GLN B 200 -12.48 0.93 -7.15
C GLN B 200 -13.66 0.53 -8.01
N ILE B 201 -14.10 -0.73 -7.82
CA ILE B 201 -15.22 -1.15 -8.71
C ILE B 201 -16.40 -0.21 -8.44
N VAL B 202 -16.67 -0.03 -7.15
CA VAL B 202 -17.90 0.72 -6.79
C VAL B 202 -17.83 2.17 -7.17
N LEU B 203 -16.58 2.66 -7.28
CA LEU B 203 -16.29 4.05 -7.62
C LEU B 203 -16.39 4.27 -9.13
N GLY B 204 -16.36 3.18 -9.89
CA GLY B 204 -16.44 3.24 -11.34
C GLY B 204 -15.10 3.23 -12.06
N GLU B 205 -14.09 2.71 -11.40
CA GLU B 205 -12.74 2.64 -11.96
C GLU B 205 -12.45 1.27 -12.58
N ALA B 206 -13.34 0.32 -12.33
CA ALA B 206 -13.15 -1.03 -12.86
C ALA B 206 -14.44 -1.84 -12.77
N ASP B 207 -14.44 -3.02 -13.38
CA ASP B 207 -15.60 -3.91 -13.38
C ASP B 207 -15.24 -5.31 -12.84
N ALA B 208 -13.95 -5.53 -12.62
CA ALA B 208 -13.47 -6.80 -12.09
C ALA B 208 -12.10 -6.61 -11.47
N ALA B 209 -11.80 -7.38 -10.44
CA ALA B 209 -10.52 -7.26 -9.76
C ALA B 209 -10.10 -8.53 -9.06
N ILE B 210 -8.80 -8.78 -9.06
CA ILE B 210 -8.22 -9.92 -8.37
C ILE B 210 -7.60 -9.29 -7.13
N CYS B 211 -8.04 -9.71 -5.95
CA CYS B 211 -7.55 -9.14 -4.72
C CYS B 211 -7.30 -10.17 -3.62
N GLY B 212 -6.51 -9.79 -2.63
CA GLY B 212 -6.21 -10.70 -1.54
C GLY B 212 -4.86 -10.38 -0.93
N GLY B 213 -4.26 -11.37 -0.29
CA GLY B 213 -2.96 -11.14 0.35
C GLY B 213 -2.03 -12.33 0.40
N VAL B 214 -0.73 -12.02 0.42
CA VAL B 214 0.31 -13.03 0.45
C VAL B 214 1.29 -12.77 1.58
N GLU B 215 1.86 -13.85 2.13
CA GLU B 215 2.81 -13.77 3.23
C GLU B 215 3.93 -14.81 3.11
N THR B 216 5.15 -14.43 3.47
CA THR B 216 6.30 -15.33 3.41
C THR B 216 6.21 -16.46 4.42
N ARG B 217 7.31 -17.19 4.57
CA ARG B 217 7.40 -18.31 5.50
C ARG B 217 7.73 -17.85 6.91
N ILE B 218 7.52 -18.73 7.88
CA ILE B 218 7.84 -18.41 9.26
C ILE B 218 9.36 -18.24 9.38
N GLU B 219 9.78 -17.01 9.63
CA GLU B 219 11.20 -16.65 9.78
C GLU B 219 11.49 -16.34 11.24
N ALA B 220 12.78 -16.39 11.60
CA ALA B 220 13.19 -16.15 12.99
C ALA B 220 13.30 -14.67 13.37
N VAL B 221 13.39 -13.81 12.35
CA VAL B 221 13.51 -12.36 12.54
C VAL B 221 12.32 -11.73 13.27
N PRO B 222 11.07 -12.08 12.89
CA PRO B 222 9.88 -11.54 13.57
C PRO B 222 9.66 -12.09 14.96
N ILE B 223 9.71 -13.43 15.02
CA ILE B 223 9.49 -14.12 16.30
C ILE B 223 10.48 -13.60 17.32
N ALA B 224 11.72 -13.39 16.93
CA ALA B 224 12.65 -12.74 17.91
C ALA B 224 12.13 -11.43 18.46
N GLY B 225 11.78 -10.49 17.62
CA GLY B 225 11.39 -9.15 18.09
C GLY B 225 9.93 -9.13 18.46
N PHE B 226 9.38 -10.30 18.82
CA PHE B 226 7.97 -10.41 19.16
C PHE B 226 7.63 -11.36 20.31
N ALA B 227 8.38 -12.46 20.41
CA ALA B 227 8.17 -13.47 21.45
C ALA B 227 8.48 -12.96 22.85
N GLN B 228 9.15 -11.82 22.94
CA GLN B 228 9.58 -11.21 24.20
C GLN B 228 8.53 -10.34 24.86
N MET B 229 7.49 -9.94 24.16
CA MET B 229 6.43 -8.97 24.52
C MET B 229 5.49 -9.58 25.49
N ARG B 230 4.21 -9.70 25.27
CA ARG B 230 3.25 -10.51 26.07
C ARG B 230 2.15 -10.96 25.18
N ILE B 231 2.53 -11.64 24.07
CA ILE B 231 1.51 -12.04 23.07
C ILE B 231 1.74 -13.42 22.51
N VAL B 232 2.97 -13.65 22.02
CA VAL B 232 3.30 -14.96 21.43
C VAL B 232 3.32 -15.98 22.56
N MET B 233 2.79 -15.56 23.71
CA MET B 233 2.70 -16.37 24.91
C MET B 233 2.20 -17.79 24.65
N SER B 234 1.86 -18.06 23.40
CA SER B 234 1.39 -19.39 23.03
C SER B 234 2.59 -20.30 22.98
N THR B 235 3.14 -20.57 24.16
CA THR B 235 4.29 -21.45 24.28
C THR B 235 3.83 -22.77 24.88
N ASN B 236 2.83 -23.37 24.24
CA ASN B 236 2.32 -24.65 24.68
C ASN B 236 2.76 -25.66 23.64
N ASN B 237 4.07 -25.68 23.41
CA ASN B 237 4.71 -26.57 22.44
C ASN B 237 4.35 -28.04 22.68
N ASP B 238 4.41 -28.48 23.94
CA ASP B 238 4.10 -29.87 24.30
C ASP B 238 2.65 -30.25 24.01
N ASP B 239 2.02 -29.50 23.11
CA ASP B 239 0.64 -29.72 22.71
C ASP B 239 0.35 -28.79 21.55
N PRO B 240 0.91 -29.08 20.36
CA PRO B 240 0.71 -28.25 19.16
C PRO B 240 -0.75 -27.81 18.94
N ALA B 241 -1.57 -28.70 18.39
CA ALA B 241 -2.96 -28.43 18.09
C ALA B 241 -3.74 -27.79 19.24
N GLY B 242 -3.37 -28.10 20.48
CA GLY B 242 -4.05 -27.52 21.61
C GLY B 242 -3.22 -26.45 22.29
N ALA B 243 -3.35 -25.22 21.82
CA ALA B 243 -2.59 -24.11 22.39
C ALA B 243 -3.33 -22.80 22.20
N CYS B 244 -3.58 -22.44 20.95
CA CYS B 244 -4.29 -21.22 20.64
C CYS B 244 -5.77 -21.39 20.94
N ARG B 245 -6.32 -20.49 21.75
CA ARG B 245 -7.73 -20.55 22.12
C ARG B 245 -8.28 -19.12 22.12
N PRO B 246 -8.85 -18.68 20.98
CA PRO B 246 -9.43 -17.35 20.78
C PRO B 246 -10.15 -16.65 21.95
N PHE B 247 -11.29 -17.17 22.39
CA PHE B 247 -11.98 -16.49 23.48
C PHE B 247 -12.01 -17.33 24.76
N ASP B 248 -11.10 -18.30 24.87
CA ASP B 248 -11.08 -19.14 26.06
C ASP B 248 -10.41 -18.37 27.20
N ARG B 249 -10.86 -18.62 28.42
CA ARG B 249 -10.30 -17.94 29.58
C ARG B 249 -8.81 -18.22 29.75
N ASP B 250 -8.39 -19.44 29.41
CA ASP B 250 -6.98 -19.79 29.54
C ASP B 250 -6.22 -19.70 28.22
N ARG B 251 -6.30 -18.53 27.58
CA ARG B 251 -5.62 -18.29 26.30
C ARG B 251 -4.24 -17.61 26.46
N ASP B 252 -3.17 -18.36 26.17
CA ASP B 252 -1.79 -17.88 26.29
C ASP B 252 -1.35 -16.91 25.20
N GLY B 253 -1.35 -17.35 23.94
CA GLY B 253 -0.94 -16.45 22.86
C GLY B 253 -1.49 -16.81 21.50
N PHE B 254 -0.78 -16.38 20.45
CA PHE B 254 -1.19 -16.67 19.09
C PHE B 254 -0.09 -17.50 18.42
N VAL B 255 -0.48 -18.22 17.41
CA VAL B 255 0.40 -19.13 16.67
C VAL B 255 0.54 -18.52 15.25
N PHE B 256 1.62 -18.87 14.62
CA PHE B 256 1.95 -18.36 13.28
C PHE B 256 1.61 -19.43 12.26
N GLY B 257 0.88 -19.06 11.24
CA GLY B 257 0.66 -19.95 10.10
C GLY B 257 0.88 -19.25 8.78
N GLU B 258 1.28 -20.02 7.79
CA GLU B 258 1.51 -19.53 6.43
C GLU B 258 0.24 -19.59 5.59
N GLY B 259 0.27 -18.95 4.42
CA GLY B 259 -0.89 -18.97 3.56
C GLY B 259 -0.96 -17.82 2.57
N GLY B 260 -1.88 -17.95 1.62
CA GLY B 260 -2.09 -16.94 0.60
C GLY B 260 -3.54 -17.06 0.15
N ALA B 261 -4.19 -15.95 -0.15
CA ALA B 261 -5.58 -16.00 -0.59
C ALA B 261 -5.94 -14.92 -1.59
N LEU B 262 -6.64 -15.32 -2.65
CA LEU B 262 -7.07 -14.39 -3.69
C LEU B 262 -8.53 -14.60 -4.04
N LEU B 263 -9.19 -13.52 -4.43
CA LEU B 263 -10.59 -13.57 -4.81
C LEU B 263 -10.81 -12.79 -6.09
N LEU B 264 -11.89 -13.16 -6.75
CA LEU B 264 -12.28 -12.50 -7.99
C LEU B 264 -13.56 -11.72 -7.78
N ILE B 265 -13.40 -10.42 -7.58
CA ILE B 265 -14.58 -9.60 -7.29
C ILE B 265 -14.99 -8.82 -8.51
N GLU B 266 -16.25 -8.52 -8.66
CA GLU B 266 -16.82 -7.99 -9.92
C GLU B 266 -18.26 -7.58 -9.79
N THR B 267 -18.72 -6.61 -10.59
CA THR B 267 -20.10 -6.12 -10.53
C THR B 267 -21.08 -7.26 -10.85
N GLU B 268 -22.27 -7.23 -10.27
CA GLU B 268 -23.28 -8.24 -10.52
C GLU B 268 -23.70 -8.26 -12.00
N GLU B 269 -23.80 -7.06 -12.59
CA GLU B 269 -24.20 -6.93 -13.99
C GLU B 269 -23.15 -7.55 -14.91
N HIS B 270 -21.88 -7.32 -14.59
CA HIS B 270 -20.77 -7.86 -15.37
C HIS B 270 -20.79 -9.40 -15.27
N ALA B 271 -20.84 -9.91 -14.05
CA ALA B 271 -20.85 -11.35 -13.81
C ALA B 271 -21.95 -12.09 -14.57
N LYS B 272 -23.15 -11.52 -14.62
CA LYS B 272 -24.28 -12.15 -15.30
C LYS B 272 -24.14 -12.23 -16.83
N ALA B 273 -23.48 -11.23 -17.41
CA ALA B 273 -23.26 -11.18 -18.85
C ALA B 273 -22.49 -12.40 -19.37
N ARG B 274 -21.42 -12.75 -18.67
CA ARG B 274 -20.57 -13.87 -19.05
C ARG B 274 -20.97 -15.16 -18.33
N GLY B 275 -22.17 -15.17 -17.76
CA GLY B 275 -22.64 -16.34 -17.03
C GLY B 275 -21.60 -16.97 -16.11
N ALA B 276 -21.36 -16.33 -14.96
CA ALA B 276 -20.39 -16.81 -13.98
C ALA B 276 -21.06 -17.41 -12.76
N ASN B 277 -20.29 -18.18 -11.99
CA ASN B 277 -20.80 -18.80 -10.77
C ASN B 277 -20.56 -17.86 -9.60
N ILE B 278 -21.64 -17.39 -8.99
CA ILE B 278 -21.59 -16.47 -7.85
C ILE B 278 -21.75 -17.24 -6.53
N LEU B 279 -20.79 -17.05 -5.63
CA LEU B 279 -20.79 -17.72 -4.33
C LEU B 279 -21.45 -16.83 -3.26
N ALA B 280 -21.13 -15.54 -3.30
CA ALA B 280 -21.68 -14.60 -2.34
C ALA B 280 -21.65 -13.19 -2.92
N ARG B 281 -21.65 -12.20 -2.06
CA ARG B 281 -21.64 -10.83 -2.53
C ARG B 281 -20.84 -9.98 -1.55
N ILE B 282 -20.00 -9.12 -2.03
CA ILE B 282 -19.32 -8.14 -1.15
C ILE B 282 -20.12 -6.86 -1.12
N MET B 283 -20.56 -6.42 0.02
CA MET B 283 -21.49 -5.28 0.11
C MET B 283 -20.94 -4.09 0.88
N GLY B 284 -19.81 -4.24 1.56
CA GLY B 284 -19.26 -3.13 2.31
C GLY B 284 -17.87 -3.36 2.86
N ALA B 285 -17.20 -2.27 3.25
CA ALA B 285 -15.84 -2.35 3.79
C ALA B 285 -15.33 -1.00 4.29
N SER B 286 -14.80 -0.98 5.50
CA SER B 286 -14.28 0.26 6.06
C SER B 286 -12.86 0.11 6.58
N ILE B 287 -12.14 1.21 6.63
CA ILE B 287 -10.78 1.19 7.12
C ILE B 287 -10.61 2.24 8.23
N THR B 288 -10.06 1.81 9.35
CA THR B 288 -9.85 2.67 10.52
C THR B 288 -8.49 2.38 11.17
N SER B 289 -8.17 3.15 12.20
CA SER B 289 -6.94 2.97 12.98
C SER B 289 -7.22 3.47 14.40
N ASP B 290 -6.39 3.05 15.35
CA ASP B 290 -6.58 3.45 16.75
C ASP B 290 -5.76 4.64 17.17
N GLY B 291 -4.57 4.78 16.59
CA GLY B 291 -3.67 5.87 16.96
C GLY B 291 -3.33 5.70 18.43
N PHE B 292 -3.59 4.50 18.95
CA PHE B 292 -3.37 4.16 20.36
C PHE B 292 -1.96 3.71 20.69
N HIS B 293 -1.69 2.43 20.52
CA HIS B 293 -0.36 1.89 20.79
C HIS B 293 0.19 1.34 19.49
N MET B 294 1.42 0.81 19.51
CA MET B 294 2.07 0.22 18.33
C MET B 294 2.22 -1.29 18.52
N VAL B 295 1.39 -1.85 19.41
CA VAL B 295 1.38 -3.27 19.74
C VAL B 295 -0.05 -3.66 20.10
N ALA B 296 -0.40 -3.46 21.38
CA ALA B 296 -1.73 -3.77 21.91
C ALA B 296 -2.69 -2.59 21.71
N PRO B 297 -3.84 -2.84 21.05
CA PRO B 297 -4.86 -1.82 20.77
C PRO B 297 -5.66 -1.29 21.97
N ASP B 298 -6.64 -0.44 21.65
CA ASP B 298 -7.53 0.17 22.63
C ASP B 298 -8.41 -0.87 23.30
N PRO B 299 -8.23 -1.10 24.61
CA PRO B 299 -9.01 -2.08 25.38
C PRO B 299 -10.54 -1.91 25.29
N ASN B 300 -10.99 -0.84 24.65
CA ASN B 300 -12.43 -0.60 24.51
C ASN B 300 -12.87 -0.86 23.06
N GLY B 301 -11.91 -0.98 22.17
CA GLY B 301 -12.23 -1.24 20.77
C GLY B 301 -13.21 -0.25 20.18
N GLU B 302 -13.06 1.02 20.53
CA GLU B 302 -13.93 2.07 20.03
C GLU B 302 -13.89 2.17 18.50
N ARG B 303 -12.69 2.38 17.95
CA ARG B 303 -12.51 2.51 16.51
C ARG B 303 -12.66 1.19 15.74
N ALA B 304 -12.38 0.08 16.42
CA ALA B 304 -12.50 -1.23 15.78
C ALA B 304 -13.97 -1.55 15.60
N GLY B 305 -14.77 -1.22 16.62
CA GLY B 305 -16.19 -1.48 16.58
C GLY B 305 -16.85 -0.55 15.60
N HIS B 306 -16.20 0.58 15.33
CA HIS B 306 -16.72 1.57 14.40
C HIS B 306 -16.60 1.16 12.94
N ALA B 307 -15.58 0.37 12.62
CA ALA B 307 -15.36 -0.09 11.24
C ALA B 307 -16.44 -1.10 10.88
N ILE B 308 -17.05 -1.71 11.89
CA ILE B 308 -18.11 -2.69 11.68
C ILE B 308 -19.39 -1.91 11.33
N THR B 309 -19.58 -0.79 12.03
CA THR B 309 -20.74 0.07 11.82
C THR B 309 -20.78 0.61 10.39
N ARG B 310 -19.60 0.91 9.84
CA ARG B 310 -19.47 1.44 8.49
C ARG B 310 -19.61 0.38 7.42
N ALA B 311 -19.12 -0.81 7.68
CA ALA B 311 -19.22 -1.90 6.72
C ALA B 311 -20.70 -2.23 6.62
N ILE B 312 -21.38 -2.17 7.76
CA ILE B 312 -22.82 -2.46 7.82
C ILE B 312 -23.65 -1.39 7.14
N GLN B 313 -23.22 -0.14 7.24
CA GLN B 313 -23.94 0.95 6.62
C GLN B 313 -23.66 1.04 5.14
N LEU B 314 -22.39 0.91 4.77
CA LEU B 314 -21.97 0.96 3.37
C LEU B 314 -22.63 -0.13 2.55
N ALA B 315 -23.15 -1.14 3.24
CA ALA B 315 -23.80 -2.27 2.59
C ALA B 315 -25.33 -2.11 2.65
N GLY B 316 -25.77 -0.98 3.19
CA GLY B 316 -27.20 -0.73 3.31
C GLY B 316 -27.90 -1.74 4.19
N LEU B 317 -27.27 -2.08 5.32
CA LEU B 317 -27.83 -3.04 6.23
C LEU B 317 -27.98 -2.44 7.62
N ALA B 318 -28.44 -3.27 8.55
CA ALA B 318 -28.62 -2.85 9.93
C ALA B 318 -27.91 -3.85 10.84
N PRO B 319 -27.48 -3.40 12.04
CA PRO B 319 -26.79 -4.25 13.00
C PRO B 319 -27.48 -5.60 13.21
N GLY B 320 -28.80 -5.63 13.01
CA GLY B 320 -29.56 -6.84 13.19
C GLY B 320 -29.55 -7.83 12.04
N ASP B 321 -29.06 -7.42 10.88
CA ASP B 321 -29.03 -8.30 9.72
C ASP B 321 -27.82 -9.22 9.69
N ILE B 322 -26.81 -8.90 10.49
CA ILE B 322 -25.59 -9.71 10.54
C ILE B 322 -25.82 -10.98 11.36
N ASP B 323 -25.64 -12.12 10.70
CA ASP B 323 -25.83 -13.42 11.33
C ASP B 323 -24.52 -14.08 11.75
N HIS B 324 -23.45 -13.82 11.01
CA HIS B 324 -22.15 -14.41 11.27
C HIS B 324 -21.09 -13.32 11.33
N VAL B 325 -19.96 -13.62 11.96
CA VAL B 325 -18.86 -12.69 12.08
C VAL B 325 -17.55 -13.46 12.16
N ASN B 326 -16.82 -13.54 11.04
CA ASN B 326 -15.55 -14.27 11.02
C ASN B 326 -14.48 -13.45 11.73
N ALA B 327 -14.56 -13.46 13.04
CA ALA B 327 -13.67 -12.72 13.91
C ALA B 327 -12.19 -12.87 13.56
N HIS B 328 -11.43 -11.84 13.86
CA HIS B 328 -9.97 -11.78 13.67
C HIS B 328 -9.29 -12.44 14.85
N ALA B 329 -10.04 -12.63 15.94
CA ALA B 329 -9.41 -13.03 17.21
C ALA B 329 -8.27 -14.03 17.08
N THR B 330 -7.09 -13.56 17.49
CA THR B 330 -5.83 -14.26 17.48
C THR B 330 -5.66 -15.26 18.62
N GLY B 331 -6.04 -14.84 19.85
CA GLY B 331 -5.90 -15.69 21.01
C GLY B 331 -5.06 -15.05 22.10
N THR B 332 -4.80 -13.75 21.96
CA THR B 332 -4.02 -13.00 22.95
C THR B 332 -5.00 -12.54 24.02
N GLN B 333 -4.48 -12.16 25.18
CA GLN B 333 -5.37 -11.72 26.25
C GLN B 333 -6.05 -10.37 25.97
N VAL B 334 -5.25 -9.33 25.73
CA VAL B 334 -5.84 -8.01 25.49
C VAL B 334 -6.42 -7.82 24.11
N GLY B 335 -6.08 -8.70 23.15
CA GLY B 335 -6.66 -8.56 21.82
C GLY B 335 -8.13 -8.91 21.77
N ASP B 336 -8.36 -10.16 22.22
CA ASP B 336 -9.65 -10.85 22.05
C ASP B 336 -10.77 -10.15 22.75
N LEU B 337 -10.46 -9.71 23.95
CA LEU B 337 -11.28 -8.86 24.80
C LEU B 337 -11.71 -7.57 24.16
N ALA B 338 -10.70 -6.88 23.55
CA ALA B 338 -10.98 -5.60 22.90
C ALA B 338 -11.84 -5.80 21.66
N GLU B 339 -11.76 -6.99 21.05
CA GLU B 339 -12.56 -7.27 19.86
C GLU B 339 -13.99 -7.56 20.23
N GLY B 340 -14.19 -8.43 21.23
CA GLY B 340 -15.53 -8.76 21.66
C GLY B 340 -16.28 -7.52 22.07
N ARG B 341 -15.53 -6.55 22.62
CA ARG B 341 -16.08 -5.29 23.07
C ARG B 341 -16.44 -4.40 21.87
N ALA B 342 -15.74 -4.59 20.76
CA ALA B 342 -15.98 -3.81 19.54
C ALA B 342 -17.15 -4.37 18.73
N ILE B 343 -17.42 -5.66 18.92
CA ILE B 343 -18.51 -6.33 18.22
C ILE B 343 -19.81 -5.84 18.81
N ASN B 344 -19.85 -5.78 20.13
CA ASN B 344 -21.02 -5.33 20.87
C ASN B 344 -21.27 -3.82 20.71
N ASN B 345 -20.21 -3.05 20.45
CA ASN B 345 -20.31 -1.60 20.25
C ASN B 345 -21.01 -1.32 18.93
N ALA B 346 -20.69 -2.14 17.93
CA ALA B 346 -21.28 -2.00 16.61
C ALA B 346 -22.67 -2.60 16.59
N LEU B 347 -22.79 -3.85 17.02
CA LEU B 347 -24.08 -4.51 17.05
C LEU B 347 -24.96 -4.07 18.22
N GLY B 348 -24.50 -4.35 19.43
CA GLY B 348 -25.27 -3.98 20.60
C GLY B 348 -25.89 -5.20 21.23
N GLY B 349 -27.21 -5.23 21.35
CA GLY B 349 -27.87 -6.37 21.95
C GLY B 349 -27.87 -7.62 21.11
N ASN B 350 -27.78 -7.44 19.80
CA ASN B 350 -27.79 -8.56 18.85
C ASN B 350 -26.68 -9.56 19.13
N ARG B 351 -26.84 -10.79 18.67
CA ARG B 351 -25.80 -11.78 18.88
C ARG B 351 -25.68 -12.78 17.74
N PRO B 352 -24.70 -12.57 16.84
CA PRO B 352 -24.44 -13.44 15.69
C PRO B 352 -23.46 -14.56 16.01
N ALA B 353 -23.44 -15.60 15.18
CA ALA B 353 -22.54 -16.74 15.36
C ALA B 353 -21.13 -16.36 14.98
N VAL B 354 -20.32 -16.10 16.00
CA VAL B 354 -18.92 -15.69 15.85
C VAL B 354 -18.01 -16.91 15.69
N TYR B 355 -16.98 -16.75 14.87
CA TYR B 355 -16.03 -17.82 14.58
C TYR B 355 -14.59 -17.26 14.55
N ALA B 356 -13.66 -18.03 15.12
CA ALA B 356 -12.25 -17.65 15.14
C ALA B 356 -11.52 -18.66 14.27
N PRO B 357 -11.24 -18.28 13.02
CA PRO B 357 -10.54 -19.22 12.14
C PRO B 357 -9.08 -19.49 12.51
N LYS B 358 -8.35 -18.45 12.93
CA LYS B 358 -6.95 -18.63 13.30
C LYS B 358 -6.69 -19.76 14.27
N SER B 359 -7.72 -20.12 15.04
CA SER B 359 -7.60 -21.18 16.04
C SER B 359 -7.25 -22.54 15.43
N ALA B 360 -7.63 -22.74 14.17
CA ALA B 360 -7.36 -24.01 13.49
C ALA B 360 -6.27 -23.84 12.45
N LEU B 361 -6.13 -22.63 11.92
CA LEU B 361 -5.14 -22.36 10.88
C LEU B 361 -3.90 -21.65 11.41
N GLY B 362 -4.05 -20.39 11.77
CA GLY B 362 -2.91 -19.67 12.26
C GLY B 362 -2.85 -18.31 11.66
N HIS B 363 -2.04 -17.45 12.28
CA HIS B 363 -1.86 -16.08 11.84
C HIS B 363 -0.96 -16.04 10.59
N SER B 364 -1.50 -15.78 9.49
CA SER B 364 -1.03 -15.42 8.20
C SER B 364 -0.43 -14.07 7.97
N VAL B 365 -0.86 -13.03 8.61
CA VAL B 365 -0.45 -11.67 8.72
C VAL B 365 -0.85 -10.88 7.51
N GLY B 366 -0.07 -10.83 6.47
CA GLY B 366 -0.43 -10.05 5.28
C GLY B 366 -1.64 -10.65 4.62
N ALA B 367 -1.60 -12.06 4.80
CA ALA B 367 -2.51 -12.89 4.02
C ALA B 367 -3.76 -13.36 4.77
N VAL B 368 -3.69 -13.39 6.09
CA VAL B 368 -4.79 -13.85 6.94
C VAL B 368 -6.15 -13.20 6.71
N GLY B 369 -6.15 -11.90 6.42
CA GLY B 369 -7.40 -11.20 6.19
C GLY B 369 -8.10 -11.68 4.93
N ALA B 370 -7.32 -12.00 3.90
CA ALA B 370 -7.84 -12.48 2.63
C ALA B 370 -8.36 -13.91 2.79
N VAL B 371 -7.68 -14.70 3.62
CA VAL B 371 -8.07 -16.08 3.89
C VAL B 371 -9.38 -16.16 4.65
N GLU B 372 -9.54 -15.31 5.66
CA GLU B 372 -10.76 -15.34 6.47
C GLU B 372 -11.93 -14.76 5.68
N SER B 373 -11.64 -13.99 4.65
CA SER B 373 -12.67 -13.40 3.82
C SER B 373 -13.22 -14.48 2.90
N ILE B 374 -12.39 -15.46 2.59
CA ILE B 374 -12.80 -16.57 1.73
C ILE B 374 -13.62 -17.56 2.56
N LEU B 375 -13.41 -17.53 3.88
CA LEU B 375 -14.12 -18.42 4.80
C LEU B 375 -15.51 -17.88 5.13
N THR B 376 -15.66 -16.56 5.02
CA THR B 376 -16.94 -15.90 5.29
C THR B 376 -17.87 -16.20 4.13
N VAL B 377 -17.28 -16.39 2.96
CA VAL B 377 -18.04 -16.67 1.76
C VAL B 377 -18.56 -18.11 1.75
N LEU B 378 -17.68 -19.06 2.06
CA LEU B 378 -18.06 -20.47 2.07
C LEU B 378 -19.12 -20.73 3.12
N ALA B 379 -19.09 -19.97 4.20
CA ALA B 379 -20.07 -20.13 5.26
C ALA B 379 -21.42 -19.71 4.69
N LEU B 380 -21.38 -18.71 3.81
CA LEU B 380 -22.57 -18.16 3.14
C LEU B 380 -23.08 -19.06 2.02
N ARG B 381 -22.14 -19.61 1.26
CA ARG B 381 -22.47 -20.49 0.16
C ARG B 381 -23.01 -21.85 0.64
N ASP B 382 -22.61 -22.26 1.85
CA ASP B 382 -23.00 -23.55 2.42
C ASP B 382 -23.93 -23.48 3.62
N GLN B 383 -24.04 -22.31 4.23
CA GLN B 383 -24.90 -22.12 5.38
C GLN B 383 -24.43 -22.94 6.58
N VAL B 384 -23.11 -23.16 6.65
CA VAL B 384 -22.50 -23.92 7.74
C VAL B 384 -21.27 -23.17 8.21
N ILE B 385 -20.99 -23.25 9.50
CA ILE B 385 -19.84 -22.59 10.11
C ILE B 385 -19.05 -23.57 10.97
N PRO B 386 -17.73 -23.70 10.74
CA PRO B 386 -16.90 -24.62 11.54
C PRO B 386 -16.71 -24.12 12.97
N PRO B 387 -16.30 -25.00 13.90
CA PRO B 387 -16.11 -24.57 15.29
C PRO B 387 -14.69 -24.14 15.67
N THR B 388 -14.60 -23.30 16.68
CA THR B 388 -13.32 -22.83 17.23
C THR B 388 -12.65 -24.05 17.89
N LEU B 389 -11.43 -24.33 17.52
CA LEU B 389 -10.72 -25.50 17.93
C LEU B 389 -10.25 -25.60 19.35
N ASN B 390 -10.38 -24.57 20.18
CA ASN B 390 -9.83 -24.65 21.55
C ASN B 390 -10.63 -23.95 22.59
N LEU B 391 -11.96 -23.98 22.50
CA LEU B 391 -12.81 -23.32 23.46
C LEU B 391 -13.45 -24.34 24.39
N VAL B 392 -13.24 -24.15 25.68
CA VAL B 392 -13.80 -25.04 26.71
C VAL B 392 -14.60 -24.17 27.66
N ASN B 393 -14.06 -22.99 27.96
CA ASN B 393 -14.73 -22.05 28.84
C ASN B 393 -14.38 -20.62 28.43
N LEU B 394 -15.18 -20.06 27.54
CA LEU B 394 -14.95 -18.70 27.05
C LEU B 394 -14.81 -17.68 28.18
N ASP B 395 -13.80 -16.83 28.06
CA ASP B 395 -13.57 -15.79 29.05
C ASP B 395 -14.89 -15.10 29.37
N PRO B 396 -15.32 -15.15 30.64
CA PRO B 396 -16.59 -14.53 31.06
C PRO B 396 -16.59 -13.00 30.88
N GLU B 397 -15.48 -12.46 30.41
CA GLU B 397 -15.31 -11.02 30.19
C GLU B 397 -15.78 -10.64 28.79
N ILE B 398 -16.25 -11.63 28.04
CA ILE B 398 -16.73 -11.47 26.66
C ILE B 398 -18.14 -12.03 26.48
N ASP B 399 -19.01 -11.28 25.80
CA ASP B 399 -20.38 -11.74 25.57
C ASP B 399 -20.63 -11.99 24.09
N LEU B 400 -20.32 -13.21 23.64
CA LEU B 400 -20.52 -13.57 22.24
C LEU B 400 -20.84 -15.06 22.07
N ASP B 401 -21.60 -15.38 21.03
CA ASP B 401 -21.98 -16.76 20.72
C ASP B 401 -20.91 -17.43 19.86
N VAL B 402 -20.01 -18.16 20.49
CA VAL B 402 -18.95 -18.80 19.74
C VAL B 402 -19.19 -20.29 19.50
N VAL B 403 -18.75 -20.79 18.33
CA VAL B 403 -18.90 -22.22 17.99
C VAL B 403 -17.69 -22.97 18.50
N ALA B 404 -17.93 -24.02 19.29
CA ALA B 404 -16.84 -24.79 19.85
C ALA B 404 -16.87 -26.27 19.48
N GLY B 405 -18.01 -26.91 19.76
CA GLY B 405 -18.12 -28.33 19.49
C GLY B 405 -18.27 -28.76 18.05
N GLU B 406 -19.50 -28.70 17.56
CA GLU B 406 -19.81 -29.13 16.22
C GLU B 406 -20.22 -27.97 15.34
N PRO B 407 -20.01 -28.11 14.01
CA PRO B 407 -20.41 -27.03 13.10
C PRO B 407 -21.85 -26.63 13.38
N ARG B 408 -22.17 -25.37 13.07
CA ARG B 408 -23.51 -24.87 13.28
C ARG B 408 -24.06 -24.30 12.00
N PRO B 409 -24.84 -25.10 11.24
CA PRO B 409 -25.44 -24.64 9.99
C PRO B 409 -26.71 -23.83 10.29
N GLY B 410 -27.34 -23.29 9.26
CA GLY B 410 -28.57 -22.52 9.49
C GLY B 410 -28.84 -21.47 8.44
N ASN B 411 -29.68 -20.48 8.75
CA ASN B 411 -29.96 -19.42 7.79
C ASN B 411 -29.05 -18.23 8.04
N TYR B 412 -28.15 -17.99 7.10
CA TYR B 412 -27.20 -16.89 7.23
C TYR B 412 -27.38 -15.90 6.08
N ARG B 413 -28.16 -14.87 6.33
CA ARG B 413 -28.40 -13.85 5.34
C ARG B 413 -27.15 -13.03 5.06
N TYR B 414 -26.55 -12.46 6.12
CA TYR B 414 -25.36 -11.63 5.99
C TYR B 414 -24.24 -11.95 6.99
N ALA B 415 -23.05 -11.42 6.73
CA ALA B 415 -21.91 -11.66 7.61
C ALA B 415 -20.81 -10.61 7.51
N ILE B 416 -19.88 -10.65 8.46
CA ILE B 416 -18.79 -9.69 8.48
C ILE B 416 -17.47 -10.34 8.88
N ASN B 417 -16.40 -10.00 8.17
CA ASN B 417 -15.07 -10.52 8.46
C ASN B 417 -14.27 -9.44 9.16
N ASN B 418 -13.66 -9.81 10.28
CA ASN B 418 -12.85 -8.89 11.06
C ASN B 418 -11.37 -9.11 10.88
N SER B 419 -10.69 -8.00 10.65
CA SER B 419 -9.24 -7.99 10.49
C SER B 419 -8.71 -6.71 11.10
N PHE B 420 -8.16 -6.83 12.31
CA PHE B 420 -7.60 -5.70 13.08
C PHE B 420 -6.17 -6.02 13.44
N GLY B 421 -5.21 -5.68 12.59
CA GLY B 421 -3.82 -6.06 12.78
C GLY B 421 -3.01 -5.21 13.71
N PHE B 422 -1.90 -5.85 14.18
CA PHE B 422 -1.06 -5.19 15.18
C PHE B 422 -0.74 -3.75 14.76
N GLY B 423 -0.65 -2.83 15.67
CA GLY B 423 -0.41 -1.45 15.30
C GLY B 423 -1.71 -0.67 15.25
N GLY B 424 -2.82 -1.40 15.31
CA GLY B 424 -4.12 -0.75 15.28
C GLY B 424 -4.64 -0.45 13.89
N HIS B 425 -4.61 -1.44 13.00
CA HIS B 425 -5.12 -1.29 11.64
C HIS B 425 -6.40 -2.11 11.59
N ASN B 426 -7.54 -1.42 11.41
CA ASN B 426 -8.83 -2.08 11.40
C ASN B 426 -9.54 -2.14 10.05
N VAL B 427 -10.03 -3.32 9.70
CA VAL B 427 -10.76 -3.51 8.45
C VAL B 427 -11.93 -4.47 8.70
N ALA B 428 -13.12 -4.06 8.24
CA ALA B 428 -14.34 -4.84 8.39
C ALA B 428 -15.06 -4.89 7.04
N ILE B 429 -15.24 -6.09 6.50
CA ILE B 429 -15.89 -6.25 5.20
C ILE B 429 -17.20 -7.01 5.30
N ALA B 430 -18.24 -6.47 4.68
CA ALA B 430 -19.55 -7.08 4.70
C ALA B 430 -19.81 -7.97 3.51
N PHE B 431 -20.18 -9.22 3.83
CA PHE B 431 -20.49 -10.23 2.83
C PHE B 431 -21.96 -10.69 2.92
N GLY B 432 -22.65 -10.67 1.77
CA GLY B 432 -24.03 -11.10 1.73
C GLY B 432 -24.20 -12.32 0.85
N ARG B 433 -25.04 -13.26 1.27
CA ARG B 433 -25.27 -14.45 0.47
C ARG B 433 -25.85 -14.08 -0.87
N TYR B 434 -25.67 -14.94 -1.86
CA TYR B 434 -26.24 -14.65 -3.17
C TYR B 434 -27.49 -15.52 -3.36
#